data_5NCZ
#
_entry.id   5NCZ
#
_cell.length_a   141.650
_cell.length_b   64.840
_cell.length_c   116.600
_cell.angle_alpha   90.00
_cell.angle_beta   103.63
_cell.angle_gamma   90.00
#
_symmetry.space_group_name_H-M   'C 1 2 1'
#
loop_
_entity.id
_entity.type
_entity.pdbx_description
1 polymer 'Phosphatidylinositol 4,5-bisphosphate 3-kinase catalytic subunit delta isoform'
2 non-polymer 1,2-ETHANEDIOL
3 non-polymer 4-azanyl-6-[[(1~{S})-1-[6-[3-[(dimethylamino)methyl]phenyl]-3-methyl-5-oxidanylidene-[1,3]thiazolo[3,2-a]pyridin-7-yl]ethyl]amino]pyrimidine-5-carbonitrile
4 water water
#
_entity_poly.entity_id   1
_entity_poly.type   'polypeptide(L)'
_entity_poly.pdbx_seq_one_letter_code
;GDRVKKLINSQISLLIGKGLHEFDSLRDPEVNDFRTKMRQFCEEAAAHRQQLGWVEWLQYSFPLQLEPSARGWRAGLLRV
SNRALLVNVKFEGSEESFTFQVSTKDMPLALMACALRKKATVFRQPLVEQPEEYALQVNGRHEYLYGNYPLCHFQYICSC
LHSGLTPHLTMVHSSSILAMRDEQSNPAPQVQKPRAKPPPIPAKKPSSVSLWSLEQPFSIELIEGRKVNADERMKLVVQA
GLFHGNEMLCKTVSSSEVNVCSEPVWKQRLEFDISVCDLPRMARLCFALYAVVEKAKKARSTKKKSKKADCPIAWANLML
FDYKDQLKTGERCLYMWPSVPDEKGELLNPAGTVRGNPNTESAAALVIYLPEVAPHPVYFPALEKILELGRIGERGRITE
EELREILERRGSGELYEHEKDLVWKMRHEVQEHFPEALARLLLVTKWNKHEDVAQMLYLLCSWPELPVLSALELLDFSFP
DCYVGSFAIKSLRKLTDDELFQYLLQLVQVLKYESYLDCELTKFLLGRALANRKIGHFLFWHLRSEMHVPSVALRFGLIM
EAYCRGSTHHMKVLMKQGEALSKLKALNDFVKVSSQKTTKPQTKEMMHMCMRQETYMEALSHLQSPLDPSTLLEEVCVEQ
CTFMDSKMKPLWIMYSSEEAGSAGNVGIIFKNGDDLRQDMLTLQMIQLMDVLWKQEGLDLRMTPYGCLPTGDRTGLIEVV
LHSDTIANIQLNKSNMAATAAFNKDALLNWLKSKNPGEALDRAIEEFTLSCAGYCVATYVLGIGDRHSDNIMIRESGQLF
HIDFGHFLGNFKTKFGINRERVPFILTYDFVHVIQQGKTNNSEKFERFRGYCERAYTILRRHGLLFLHLFALMRAAGLPE
LSCSKDIQYLKDSLALGKTEEEALKHFRVKFNEALRESWKTKVNWLAHNVSKDNRQ
;
_entity_poly.pdbx_strand_id   A
#
loop_
_chem_comp.id
_chem_comp.type
_chem_comp.name
_chem_comp.formula
8TN non-polymer 4-azanyl-6-[[(1~{S})-1-[6-[3-[(dimethylamino)methyl]phenyl]-3-methyl-5-oxidanylidene-[1,3]thiazolo[3,2-a]pyridin-7-yl]ethyl]amino]pyrimidine-5-carbonitrile 'C24 H25 N7 O S'
EDO non-polymer 1,2-ETHANEDIOL 'C2 H6 O2'
#
# COMPACT_ATOMS: atom_id res chain seq x y z
N VAL A 4 10.84 3.02 32.75
CA VAL A 4 9.75 3.88 33.22
C VAL A 4 8.69 4.09 32.12
N LYS A 5 7.41 4.21 32.56
CA LYS A 5 6.24 4.49 31.74
C LYS A 5 6.36 5.92 31.12
N LYS A 6 7.02 6.86 31.85
CA LYS A 6 7.24 8.23 31.37
C LYS A 6 8.24 8.25 30.23
N LEU A 7 9.29 7.37 30.27
CA LEU A 7 10.28 7.28 29.21
C LEU A 7 9.61 6.77 27.91
N ILE A 8 8.78 5.72 28.03
CA ILE A 8 8.00 5.13 26.91
C ILE A 8 7.13 6.21 26.26
N ASN A 9 6.39 7.01 27.06
CA ASN A 9 5.56 8.11 26.56
C ASN A 9 6.39 9.12 25.78
N SER A 10 7.62 9.47 26.27
CA SER A 10 8.46 10.41 25.51
C SER A 10 8.99 9.73 24.24
N GLN A 11 9.29 8.42 24.30
CA GLN A 11 9.78 7.66 23.14
C GLN A 11 8.73 7.57 22.03
N ILE A 12 7.44 7.30 22.38
CA ILE A 12 6.32 7.28 21.43
C ILE A 12 6.14 8.66 20.80
N SER A 13 6.15 9.74 21.62
CA SER A 13 6.01 11.11 21.13
C SER A 13 7.06 11.45 20.06
N LEU A 14 8.32 11.10 20.31
CA LEU A 14 9.39 11.35 19.33
C LEU A 14 9.18 10.50 18.07
N LEU A 15 8.89 9.20 18.23
CA LEU A 15 8.69 8.25 17.14
C LEU A 15 7.56 8.62 16.18
N ILE A 16 6.37 8.89 16.72
CA ILE A 16 5.17 9.17 15.93
C ILE A 16 5.16 10.60 15.37
N GLY A 17 5.99 11.48 15.91
CA GLY A 17 6.10 12.87 15.47
C GLY A 17 5.05 13.81 16.05
N LYS A 18 4.37 13.36 17.12
CA LYS A 18 3.31 14.12 17.81
C LYS A 18 3.37 13.80 19.32
N GLY A 19 3.46 14.84 20.13
CA GLY A 19 3.49 14.70 21.58
C GLY A 19 2.20 14.11 22.12
N LEU A 20 2.30 13.08 22.99
CA LEU A 20 1.13 12.41 23.58
C LEU A 20 0.26 13.37 24.41
N HIS A 21 0.88 14.45 24.95
CA HIS A 21 0.22 15.52 25.71
C HIS A 21 -0.83 16.26 24.85
N GLU A 22 -0.61 16.32 23.53
CA GLU A 22 -1.50 16.94 22.54
C GLU A 22 -2.85 16.22 22.41
N PHE A 23 -2.88 14.90 22.70
CA PHE A 23 -4.11 14.10 22.68
C PHE A 23 -5.01 14.43 23.86
N ASP A 24 -4.43 14.61 25.06
CA ASP A 24 -5.18 14.97 26.29
C ASP A 24 -5.76 16.39 26.23
N SER A 25 -5.03 17.32 25.56
CA SER A 25 -5.41 18.73 25.40
C SER A 25 -6.71 18.94 24.61
N LEU A 26 -7.06 17.97 23.74
CA LEU A 26 -8.25 18.02 22.91
C LEU A 26 -9.55 17.97 23.71
N ARG A 27 -9.50 17.34 24.91
CA ARG A 27 -10.66 17.13 25.80
C ARG A 27 -11.78 16.46 24.99
N ASP A 28 -11.37 15.48 24.15
CA ASP A 28 -12.25 14.75 23.26
C ASP A 28 -12.51 13.37 23.84
N PRO A 29 -13.76 13.09 24.27
CA PRO A 29 -14.08 11.75 24.82
C PRO A 29 -13.89 10.60 23.82
N GLU A 30 -14.07 10.86 22.51
CA GLU A 30 -13.89 9.84 21.47
C GLU A 30 -12.42 9.43 21.36
N VAL A 31 -11.50 10.41 21.47
CA VAL A 31 -10.05 10.21 21.48
C VAL A 31 -9.67 9.42 22.74
N ASN A 32 -10.18 9.85 23.91
CA ASN A 32 -9.94 9.22 25.22
C ASN A 32 -10.37 7.78 25.27
N ASP A 33 -11.55 7.47 24.72
CA ASP A 33 -12.03 6.08 24.73
C ASP A 33 -11.25 5.21 23.76
N PHE A 34 -10.89 5.78 22.58
CA PHE A 34 -10.10 5.06 21.58
C PHE A 34 -8.77 4.71 22.23
N ARG A 35 -8.11 5.71 22.86
CA ARG A 35 -6.81 5.53 23.52
C ARG A 35 -6.82 4.42 24.56
N THR A 36 -7.79 4.43 25.49
CA THR A 36 -7.92 3.42 26.55
C THR A 36 -8.25 2.02 26.02
N LYS A 37 -9.29 1.91 25.17
CA LYS A 37 -9.75 0.64 24.58
C LYS A 37 -8.64 -0.03 23.76
N MET A 38 -7.99 0.74 22.86
CA MET A 38 -6.96 0.16 21.99
C MET A 38 -5.68 -0.19 22.75
N ARG A 39 -5.36 0.56 23.84
CA ARG A 39 -4.22 0.24 24.69
C ARG A 39 -4.40 -1.16 25.30
N GLN A 40 -5.60 -1.43 25.82
CA GLN A 40 -5.95 -2.72 26.43
C GLN A 40 -5.92 -3.84 25.38
N PHE A 41 -6.52 -3.60 24.21
CA PHE A 41 -6.54 -4.56 23.09
C PHE A 41 -5.10 -4.92 22.66
N CYS A 42 -4.22 -3.91 22.51
CA CYS A 42 -2.83 -4.09 22.07
C CYS A 42 -1.95 -4.70 23.12
N GLU A 43 -2.22 -4.39 24.40
CA GLU A 43 -1.50 -5.01 25.51
C GLU A 43 -1.90 -6.49 25.66
N GLU A 44 -3.15 -6.84 25.30
CA GLU A 44 -3.64 -8.22 25.31
C GLU A 44 -2.86 -9.03 24.26
N ALA A 45 -2.71 -8.47 23.02
CA ALA A 45 -1.96 -9.10 21.93
C ALA A 45 -0.50 -9.25 22.35
N ALA A 46 0.08 -8.25 23.07
CA ALA A 46 1.46 -8.33 23.58
C ALA A 46 1.62 -9.49 24.57
N ALA A 47 0.63 -9.68 25.48
CA ALA A 47 0.65 -10.75 26.48
C ALA A 47 0.64 -12.13 25.81
N HIS A 48 -0.19 -12.29 24.78
CA HIS A 48 -0.31 -13.50 23.96
C HIS A 48 1.02 -13.81 23.26
N ARG A 49 1.71 -12.76 22.74
CA ARG A 49 2.97 -12.89 22.02
C ARG A 49 4.14 -13.32 22.89
N GLN A 50 4.22 -12.83 24.13
CA GLN A 50 5.32 -13.17 25.02
C GLN A 50 5.30 -14.62 25.48
N GLN A 51 4.18 -15.33 25.27
CA GLN A 51 4.05 -16.74 25.67
C GLN A 51 3.97 -17.72 24.49
N LEU A 52 4.13 -17.22 23.24
CA LEU A 52 4.12 -18.08 22.06
C LEU A 52 5.25 -19.10 22.17
N GLY A 53 5.07 -20.27 21.55
CA GLY A 53 6.14 -21.25 21.49
C GLY A 53 7.20 -20.74 20.53
N TRP A 54 8.41 -21.32 20.54
CA TRP A 54 9.51 -20.86 19.70
C TRP A 54 9.20 -20.90 18.17
N VAL A 55 8.44 -21.89 17.68
CA VAL A 55 8.04 -21.99 16.26
C VAL A 55 7.02 -20.86 15.94
N GLU A 56 6.11 -20.61 16.89
CA GLU A 56 5.13 -19.54 16.80
C GLU A 56 5.81 -18.16 16.82
N TRP A 57 6.89 -17.98 17.63
CA TRP A 57 7.69 -16.74 17.69
C TRP A 57 8.36 -16.50 16.32
N LEU A 58 8.89 -17.58 15.69
CA LEU A 58 9.50 -17.55 14.36
C LEU A 58 8.47 -17.04 13.35
N GLN A 59 7.21 -17.53 13.43
CA GLN A 59 6.11 -17.15 12.53
C GLN A 59 5.70 -15.70 12.70
N TYR A 60 5.79 -15.20 13.94
CA TYR A 60 5.46 -13.82 14.23
C TYR A 60 6.59 -12.88 13.73
N SER A 61 7.84 -13.15 14.12
CA SER A 61 9.01 -12.30 13.87
C SER A 61 9.65 -12.43 12.47
N PHE A 62 9.67 -13.65 11.92
CA PHE A 62 10.27 -13.97 10.63
C PHE A 62 9.27 -14.77 9.79
N PRO A 63 8.09 -14.21 9.41
CA PRO A 63 7.12 -14.98 8.62
C PRO A 63 7.75 -15.45 7.30
N LEU A 64 7.46 -16.69 6.91
CA LEU A 64 8.02 -17.32 5.72
C LEU A 64 7.84 -16.54 4.41
N GLN A 65 8.94 -16.43 3.64
CA GLN A 65 8.93 -15.75 2.35
C GLN A 65 9.00 -16.84 1.28
N LEU A 66 7.82 -17.26 0.85
CA LEU A 66 7.60 -18.32 -0.13
C LEU A 66 7.26 -17.77 -1.49
N GLU A 67 7.53 -18.57 -2.54
CA GLU A 67 7.22 -18.22 -3.91
C GLU A 67 5.70 -18.33 -4.15
N PRO A 68 5.10 -17.46 -5.00
CA PRO A 68 3.64 -17.51 -5.22
C PRO A 68 3.06 -18.86 -5.69
N ASN A 82 14.88 -33.02 -7.47
CA ASN A 82 14.71 -32.71 -8.88
C ASN A 82 16.05 -32.26 -9.48
N ARG A 83 16.68 -31.23 -8.88
CA ARG A 83 17.97 -30.68 -9.32
C ARG A 83 18.90 -30.50 -8.14
N ALA A 84 20.21 -30.69 -8.37
CA ALA A 84 21.24 -30.58 -7.34
C ALA A 84 21.57 -29.14 -7.01
N LEU A 85 21.76 -28.85 -5.71
CA LEU A 85 22.12 -27.51 -5.25
C LEU A 85 23.03 -27.56 -4.02
N LEU A 86 24.06 -26.72 -4.03
CA LEU A 86 25.04 -26.61 -2.96
C LEU A 86 24.63 -25.52 -1.98
N VAL A 87 24.64 -25.85 -0.68
CA VAL A 87 24.23 -24.96 0.41
C VAL A 87 25.32 -24.93 1.48
N ASN A 88 25.80 -23.72 1.84
CA ASN A 88 26.79 -23.55 2.89
C ASN A 88 26.05 -23.38 4.21
N VAL A 89 26.39 -24.19 5.23
CA VAL A 89 25.73 -24.20 6.54
C VAL A 89 26.74 -24.14 7.67
N LYS A 90 26.48 -23.23 8.62
CA LYS A 90 27.28 -23.07 9.83
C LYS A 90 26.35 -23.08 11.04
N PHE A 91 26.90 -23.22 12.24
CA PHE A 91 26.14 -23.16 13.48
C PHE A 91 26.37 -21.77 14.06
N GLU A 92 25.41 -21.27 14.86
CA GLU A 92 25.43 -19.92 15.43
C GLU A 92 26.70 -19.58 16.27
N GLY A 93 27.09 -20.49 17.17
CA GLY A 93 28.26 -20.29 18.03
C GLY A 93 29.58 -20.83 17.50
N SER A 94 29.83 -20.68 16.17
CA SER A 94 31.05 -21.14 15.49
C SER A 94 31.31 -20.43 14.16
N GLU A 95 32.60 -20.24 13.80
CA GLU A 95 33.04 -19.62 12.54
C GLU A 95 33.10 -20.65 11.40
N GLU A 96 33.34 -21.94 11.75
CA GLU A 96 33.42 -23.07 10.82
C GLU A 96 32.09 -23.32 10.11
N SER A 97 32.15 -23.72 8.82
CA SER A 97 30.99 -24.01 7.99
C SER A 97 31.19 -25.30 7.17
N PHE A 98 30.10 -25.80 6.56
CA PHE A 98 30.11 -27.01 5.72
C PHE A 98 29.26 -26.79 4.49
N THR A 99 29.81 -27.04 3.29
CA THR A 99 29.07 -26.94 2.03
C THR A 99 28.51 -28.32 1.72
N PHE A 100 27.19 -28.43 1.69
CA PHE A 100 26.44 -29.66 1.45
C PHE A 100 25.83 -29.66 0.08
N GLN A 101 25.60 -30.86 -0.47
CA GLN A 101 24.91 -31.02 -1.73
C GLN A 101 23.57 -31.63 -1.40
N VAL A 102 22.52 -30.84 -1.58
CA VAL A 102 21.13 -31.26 -1.34
C VAL A 102 20.32 -31.10 -2.63
N SER A 103 19.03 -31.48 -2.61
CA SER A 103 18.18 -31.32 -3.79
C SER A 103 17.31 -30.07 -3.60
N THR A 104 16.72 -29.57 -4.68
CA THR A 104 15.81 -28.42 -4.63
C THR A 104 14.48 -28.88 -4.02
N LYS A 105 14.18 -30.19 -4.13
CA LYS A 105 12.98 -30.82 -3.58
C LYS A 105 13.11 -31.16 -2.09
N ASP A 106 14.34 -31.18 -1.55
CA ASP A 106 14.63 -31.49 -0.15
C ASP A 106 14.00 -30.45 0.81
N MET A 107 13.54 -30.91 1.98
CA MET A 107 12.94 -30.04 3.01
C MET A 107 14.06 -29.45 3.89
N PRO A 108 13.83 -28.29 4.58
CA PRO A 108 14.87 -27.76 5.49
C PRO A 108 15.33 -28.76 6.56
N LEU A 109 14.40 -29.61 7.07
CA LEU A 109 14.67 -30.63 8.10
C LEU A 109 15.75 -31.63 7.64
N ALA A 110 15.77 -31.98 6.34
CA ALA A 110 16.76 -32.88 5.75
C ALA A 110 18.13 -32.22 5.76
N LEU A 111 18.17 -30.91 5.47
CA LEU A 111 19.40 -30.10 5.45
C LEU A 111 19.97 -29.96 6.88
N MET A 112 19.10 -29.71 7.88
CA MET A 112 19.48 -29.60 9.30
C MET A 112 20.04 -30.93 9.84
N ALA A 113 19.44 -32.07 9.42
CA ALA A 113 19.89 -33.42 9.81
C ALA A 113 21.34 -33.66 9.35
N CYS A 114 21.65 -33.24 8.09
CA CYS A 114 22.99 -33.30 7.46
C CYS A 114 23.99 -32.44 8.23
N ALA A 115 23.57 -31.23 8.64
CA ALA A 115 24.36 -30.27 9.41
C ALA A 115 24.76 -30.83 10.77
N LEU A 116 23.80 -31.47 11.47
CA LEU A 116 24.01 -32.06 12.79
C LEU A 116 24.85 -33.33 12.74
N ARG A 117 24.74 -34.12 11.64
CA ARG A 117 25.52 -35.35 11.45
C ARG A 117 26.96 -34.95 11.17
N LYS A 118 27.18 -33.87 10.39
CA LYS A 118 28.51 -33.36 10.08
C LYS A 118 29.18 -32.72 11.31
N LYS A 119 28.37 -32.06 12.18
CA LYS A 119 28.83 -31.43 13.43
C LYS A 119 29.21 -32.53 14.45
N ALA A 120 28.55 -33.69 14.38
CA ALA A 120 28.78 -34.84 15.26
C ALA A 120 30.14 -35.49 15.00
N THR A 121 30.60 -35.52 13.73
CA THR A 121 31.88 -36.11 13.34
C THR A 121 33.06 -35.20 13.72
N VAL A 122 32.81 -33.88 13.81
CA VAL A 122 33.81 -32.86 14.18
C VAL A 122 33.96 -32.76 15.71
N PHE A 123 32.82 -32.75 16.44
CA PHE A 123 32.77 -32.67 17.90
C PHE A 123 32.84 -34.04 18.61
N ARG A 124 32.96 -35.13 17.82
CA ARG A 124 33.07 -36.54 18.28
C ARG A 124 31.94 -36.97 19.23
N GLN A 125 30.69 -36.47 18.96
CA GLN A 125 29.45 -36.72 19.71
C GLN A 125 29.56 -36.33 21.19
N GLN A 130 18.90 -33.20 17.59
CA GLN A 130 17.52 -33.28 17.09
C GLN A 130 17.28 -32.18 16.03
N PRO A 131 17.03 -32.54 14.74
CA PRO A 131 16.80 -31.51 13.70
C PRO A 131 15.57 -30.63 13.94
N GLU A 132 14.54 -31.20 14.60
CA GLU A 132 13.27 -30.54 14.96
C GLU A 132 13.48 -29.31 15.85
N GLU A 133 14.58 -29.26 16.61
CA GLU A 133 14.93 -28.17 17.56
C GLU A 133 15.61 -26.94 16.93
N TYR A 134 15.72 -26.89 15.59
CA TYR A 134 16.40 -25.83 14.87
C TYR A 134 15.57 -25.16 13.76
N ALA A 135 16.02 -23.97 13.36
CA ALA A 135 15.52 -23.19 12.24
C ALA A 135 16.76 -22.71 11.48
N LEU A 136 16.64 -22.50 10.17
CA LEU A 136 17.75 -22.06 9.33
C LEU A 136 17.64 -20.57 9.04
N GLN A 137 18.53 -19.76 9.61
CA GLN A 137 18.56 -18.32 9.34
C GLN A 137 19.33 -18.07 8.04
N VAL A 138 18.87 -17.12 7.22
CA VAL A 138 19.59 -16.67 6.03
C VAL A 138 20.67 -15.75 6.63
N ASN A 139 21.95 -15.99 6.33
CA ASN A 139 23.05 -15.22 6.90
C ASN A 139 22.89 -13.72 6.67
N GLY A 140 23.03 -12.97 7.75
CA GLY A 140 22.94 -11.52 7.78
C GLY A 140 21.58 -10.94 7.48
N ARG A 141 20.51 -11.73 7.69
CA ARG A 141 19.15 -11.31 7.41
C ARG A 141 18.19 -11.78 8.49
N HIS A 142 17.14 -11.00 8.77
CA HIS A 142 16.05 -11.42 9.68
C HIS A 142 15.07 -12.23 8.83
N GLU A 143 15.56 -13.36 8.34
CA GLU A 143 14.83 -14.26 7.47
C GLU A 143 15.25 -15.66 7.80
N TYR A 144 14.25 -16.55 7.89
CA TYR A 144 14.45 -17.94 8.28
C TYR A 144 13.78 -18.89 7.33
N LEU A 145 14.35 -20.09 7.23
CA LEU A 145 13.92 -21.24 6.43
C LEU A 145 13.54 -22.32 7.44
N TYR A 146 12.25 -22.66 7.45
CA TYR A 146 11.65 -23.65 8.36
C TYR A 146 10.32 -24.13 7.74
N GLY A 147 9.76 -25.21 8.27
CA GLY A 147 8.50 -25.77 7.78
C GLY A 147 8.64 -26.81 6.69
N ASN A 148 7.50 -27.45 6.35
CA ASN A 148 7.44 -28.51 5.35
C ASN A 148 7.20 -27.95 3.95
N TYR A 149 8.24 -27.35 3.39
CA TYR A 149 8.23 -26.78 2.04
C TYR A 149 9.57 -27.16 1.38
N PRO A 150 9.59 -27.58 0.10
CA PRO A 150 10.89 -27.90 -0.53
C PRO A 150 11.72 -26.63 -0.62
N LEU A 151 13.06 -26.76 -0.56
CA LEU A 151 13.97 -25.60 -0.62
C LEU A 151 13.66 -24.63 -1.76
N CYS A 152 13.29 -25.16 -2.95
CA CYS A 152 12.96 -24.32 -4.10
C CYS A 152 11.70 -23.47 -3.91
N HIS A 153 10.83 -23.79 -2.91
CA HIS A 153 9.64 -22.97 -2.64
C HIS A 153 9.93 -21.72 -1.81
N PHE A 154 11.15 -21.60 -1.25
CA PHE A 154 11.59 -20.43 -0.47
C PHE A 154 12.14 -19.36 -1.40
N GLN A 155 11.71 -18.09 -1.22
CA GLN A 155 12.17 -16.95 -2.03
C GLN A 155 13.69 -16.80 -2.02
N TYR A 156 14.33 -17.02 -0.88
CA TYR A 156 15.78 -16.90 -0.79
C TYR A 156 16.51 -17.94 -1.67
N ILE A 157 16.08 -19.22 -1.61
CA ILE A 157 16.66 -20.29 -2.42
C ILE A 157 16.37 -20.03 -3.91
N CYS A 158 15.11 -19.65 -4.24
CA CYS A 158 14.66 -19.34 -5.61
CA CYS A 158 14.70 -19.36 -5.61
C CYS A 158 15.54 -18.26 -6.23
N SER A 159 15.86 -17.20 -5.46
CA SER A 159 16.69 -16.06 -5.85
C SER A 159 18.13 -16.53 -6.10
N CYS A 160 18.66 -17.40 -5.22
CA CYS A 160 20.01 -17.98 -5.30
C CYS A 160 20.21 -18.78 -6.59
N LEU A 161 19.20 -19.60 -6.98
CA LEU A 161 19.21 -20.43 -8.20
C LEU A 161 19.24 -19.58 -9.48
N HIS A 162 18.48 -18.46 -9.50
CA HIS A 162 18.45 -17.56 -10.66
C HIS A 162 19.74 -16.75 -10.85
N SER A 163 20.38 -16.34 -9.74
CA SER A 163 21.62 -15.56 -9.79
C SER A 163 22.88 -16.43 -9.85
N GLY A 164 22.74 -17.72 -9.52
CA GLY A 164 23.84 -18.68 -9.49
C GLY A 164 24.57 -18.76 -8.16
N LEU A 165 24.29 -17.81 -7.24
CA LEU A 165 24.88 -17.71 -5.90
C LEU A 165 24.55 -18.91 -5.02
N THR A 166 25.45 -19.24 -4.08
CA THR A 166 25.31 -20.38 -3.15
C THR A 166 24.56 -19.95 -1.88
N PRO A 167 23.42 -20.61 -1.51
CA PRO A 167 22.75 -20.24 -0.25
C PRO A 167 23.67 -20.42 0.95
N HIS A 168 23.66 -19.43 1.85
CA HIS A 168 24.44 -19.39 3.09
C HIS A 168 23.47 -19.34 4.26
N LEU A 169 23.39 -20.46 5.01
CA LEU A 169 22.45 -20.60 6.12
C LEU A 169 23.11 -20.84 7.45
N THR A 170 22.42 -20.46 8.55
CA THR A 170 22.90 -20.63 9.93
C THR A 170 21.91 -21.44 10.76
N MET A 171 22.40 -22.51 11.42
CA MET A 171 21.62 -23.34 12.32
C MET A 171 21.46 -22.58 13.63
N VAL A 172 20.22 -22.23 13.96
CA VAL A 172 19.87 -21.50 15.17
C VAL A 172 18.98 -22.42 16.00
N HIS A 173 19.38 -22.69 17.25
CA HIS A 173 18.67 -23.58 18.19
C HIS A 173 17.47 -22.87 18.84
N SER A 174 16.45 -23.64 19.25
CA SER A 174 15.22 -23.15 19.88
C SER A 174 15.45 -22.28 21.12
N SER A 175 16.50 -22.57 21.93
CA SER A 175 16.86 -21.79 23.12
C SER A 175 17.25 -20.35 22.74
N SER A 176 17.90 -20.19 21.58
CA SER A 176 18.35 -18.89 21.07
C SER A 176 17.17 -18.07 20.55
N ILE A 177 16.14 -18.74 19.99
CA ILE A 177 14.91 -18.12 19.48
C ILE A 177 14.08 -17.65 20.67
N LEU A 178 14.00 -18.48 21.73
CA LEU A 178 13.29 -18.13 22.97
C LEU A 178 13.99 -16.99 23.68
N ALA A 179 15.33 -16.95 23.59
CA ALA A 179 16.12 -15.86 24.16
C ALA A 179 15.75 -14.54 23.46
N MET A 180 15.41 -14.59 22.13
CA MET A 180 14.97 -13.42 21.37
C MET A 180 13.58 -13.00 21.80
N ARG A 181 12.68 -13.98 22.09
CA ARG A 181 11.32 -13.69 22.54
C ARG A 181 11.36 -12.95 23.89
N ASP A 182 12.11 -13.49 24.85
CA ASP A 182 12.24 -12.97 26.21
C ASP A 182 12.86 -11.58 26.29
N GLU A 183 13.92 -11.31 25.51
CA GLU A 183 14.60 -10.01 25.51
C GLU A 183 13.71 -8.88 24.95
N GLN A 184 12.74 -9.26 24.12
CA GLN A 184 11.84 -8.35 23.44
C GLN A 184 10.47 -8.21 24.14
N SER A 185 10.44 -8.39 25.49
CA SER A 185 9.25 -8.30 26.33
C SER A 185 8.81 -6.85 26.52
N ASN A 186 7.49 -6.64 26.71
CA ASN A 186 6.91 -5.32 26.95
C ASN A 186 7.11 -4.83 28.39
N LEU A 211 -35.41 8.40 17.43
CA LEU A 211 -35.76 7.02 17.06
C LEU A 211 -36.84 6.98 15.95
N TRP A 212 -37.58 5.86 15.83
CA TRP A 212 -38.64 5.63 14.83
C TRP A 212 -39.84 6.60 14.95
N SER A 213 -40.07 7.14 16.17
CA SER A 213 -41.16 8.07 16.50
C SER A 213 -41.07 9.43 15.79
N LEU A 214 -39.86 10.02 15.77
CA LEU A 214 -39.59 11.34 15.21
C LEU A 214 -39.82 11.44 13.70
N GLU A 215 -41.09 11.71 13.30
CA GLU A 215 -41.48 11.81 11.88
C GLU A 215 -41.28 13.21 11.25
N GLN A 216 -40.88 14.22 12.05
CA GLN A 216 -40.65 15.59 11.56
C GLN A 216 -39.50 15.63 10.54
N PRO A 217 -39.51 16.54 9.52
CA PRO A 217 -38.38 16.55 8.57
C PRO A 217 -37.12 17.08 9.23
N PHE A 218 -35.93 16.56 8.84
CA PHE A 218 -34.66 17.01 9.40
C PHE A 218 -34.44 18.47 9.06
N SER A 219 -33.90 19.21 10.02
CA SER A 219 -33.65 20.65 9.88
C SER A 219 -32.48 21.11 10.76
N ILE A 220 -31.81 22.18 10.33
CA ILE A 220 -30.71 22.78 11.10
C ILE A 220 -30.86 24.28 11.11
N GLU A 221 -30.35 24.94 12.16
CA GLU A 221 -30.32 26.39 12.17
C GLU A 221 -28.88 26.79 11.83
N LEU A 222 -28.69 27.48 10.69
CA LEU A 222 -27.38 27.99 10.29
C LEU A 222 -27.24 29.36 10.96
N ILE A 223 -26.47 29.43 12.06
CA ILE A 223 -26.29 30.65 12.86
C ILE A 223 -25.42 31.69 12.13
N GLU A 224 -24.08 31.51 12.10
CA GLU A 224 -23.15 32.47 11.49
C GLU A 224 -21.83 31.83 10.99
N GLY A 225 -21.05 32.61 10.23
CA GLY A 225 -19.77 32.19 9.67
C GLY A 225 -18.57 33.01 10.12
N ARG A 226 -17.43 32.90 9.37
CA ARG A 226 -16.15 33.59 9.61
C ARG A 226 -15.26 33.72 8.33
N LYS A 227 -14.08 34.38 8.46
CA LYS A 227 -13.00 34.62 7.50
C LYS A 227 -13.37 35.40 6.18
N VAL A 228 -12.31 35.81 5.43
CA VAL A 228 -12.28 36.69 4.25
C VAL A 228 -12.38 36.01 2.87
N ASN A 229 -12.86 36.78 1.85
CA ASN A 229 -13.01 36.49 0.41
C ASN A 229 -13.49 37.75 -0.35
N ALA A 230 -13.49 37.72 -1.70
CA ALA A 230 -13.92 38.85 -2.54
C ALA A 230 -15.44 38.91 -2.67
N MET A 234 -19.24 40.50 -4.21
CA MET A 234 -19.74 39.13 -4.06
C MET A 234 -20.53 38.91 -2.75
N LYS A 235 -21.32 37.82 -2.71
CA LYS A 235 -22.12 37.40 -1.54
C LYS A 235 -21.75 35.95 -1.18
N LEU A 236 -22.04 35.53 0.06
CA LEU A 236 -21.77 34.19 0.60
C LEU A 236 -23.02 33.32 0.65
N VAL A 237 -22.86 32.04 0.24
CA VAL A 237 -23.93 31.03 0.22
C VAL A 237 -23.42 29.74 0.88
N VAL A 238 -24.21 29.16 1.79
CA VAL A 238 -23.90 27.89 2.45
C VAL A 238 -24.84 26.82 1.86
N GLN A 239 -24.25 25.90 1.07
CA GLN A 239 -24.98 24.79 0.48
C GLN A 239 -24.80 23.62 1.44
N ALA A 240 -25.91 23.00 1.84
CA ALA A 240 -25.89 21.86 2.75
C ALA A 240 -26.55 20.66 2.10
N GLY A 241 -25.94 19.50 2.30
CA GLY A 241 -26.41 18.24 1.75
C GLY A 241 -26.34 17.13 2.78
N LEU A 242 -27.27 16.18 2.70
CA LEU A 242 -27.31 15.00 3.55
C LEU A 242 -26.90 13.85 2.66
N PHE A 243 -25.87 13.10 3.08
CA PHE A 243 -25.33 12.02 2.26
C PHE A 243 -25.19 10.72 3.03
N HIS A 244 -25.21 9.62 2.28
CA HIS A 244 -24.90 8.27 2.72
C HIS A 244 -23.86 7.87 1.70
N GLY A 245 -22.60 8.12 2.02
CA GLY A 245 -21.50 7.91 1.11
C GLY A 245 -21.47 9.01 0.08
N ASN A 246 -21.37 8.65 -1.21
CA ASN A 246 -21.34 9.62 -2.32
C ASN A 246 -22.75 10.06 -2.74
N GLU A 247 -23.78 9.25 -2.41
CA GLU A 247 -25.17 9.45 -2.80
C GLU A 247 -25.98 10.32 -1.82
N MET A 248 -26.79 11.23 -2.39
CA MET A 248 -27.64 12.15 -1.63
C MET A 248 -28.86 11.43 -1.06
N LEU A 249 -29.19 11.74 0.21
CA LEU A 249 -30.33 11.20 0.92
C LEU A 249 -31.61 12.00 0.61
N CYS A 250 -31.41 13.24 0.11
CA CYS A 250 -32.43 14.21 -0.31
C CYS A 250 -31.77 15.29 -1.19
N LYS A 251 -32.56 16.22 -1.76
CA LYS A 251 -31.98 17.29 -2.58
C LYS A 251 -31.14 18.24 -1.70
N THR A 252 -30.15 18.89 -2.31
CA THR A 252 -29.29 19.84 -1.62
C THR A 252 -30.05 21.15 -1.40
N VAL A 253 -30.04 21.68 -0.17
CA VAL A 253 -30.72 22.94 0.11
C VAL A 253 -29.72 24.01 0.54
N SER A 254 -29.85 25.21 -0.05
CA SER A 254 -29.00 26.37 0.22
C SER A 254 -29.73 27.38 1.08
N SER A 255 -28.96 28.20 1.82
CA SER A 255 -29.50 29.29 2.63
C SER A 255 -29.46 30.60 1.78
N SER A 256 -29.92 31.73 2.34
CA SER A 256 -29.96 33.01 1.64
C SER A 256 -28.56 33.58 1.38
N GLU A 257 -28.46 34.46 0.37
CA GLU A 257 -27.24 35.17 0.01
C GLU A 257 -27.09 36.36 0.98
N VAL A 258 -25.88 36.52 1.54
CA VAL A 258 -25.52 37.59 2.49
C VAL A 258 -24.17 38.15 2.01
N ASN A 259 -24.00 39.49 2.00
CA ASN A 259 -22.75 40.16 1.57
C ASN A 259 -21.51 39.72 2.39
N VAL A 260 -20.33 39.72 1.76
CA VAL A 260 -19.05 39.36 2.43
C VAL A 260 -18.65 40.47 3.43
N GLU A 263 -17.27 37.63 9.12
CA GLU A 263 -18.19 37.34 10.21
C GLU A 263 -19.69 37.39 9.72
N PRO A 264 -20.07 36.59 8.68
CA PRO A 264 -21.47 36.62 8.20
C PRO A 264 -22.45 36.03 9.20
N VAL A 265 -23.71 36.54 9.19
CA VAL A 265 -24.78 36.08 10.10
C VAL A 265 -25.97 35.64 9.26
N TRP A 266 -26.44 34.40 9.45
CA TRP A 266 -27.60 33.88 8.72
C TRP A 266 -28.82 33.72 9.64
N LYS A 267 -28.63 33.05 10.81
CA LYS A 267 -29.66 32.72 11.81
C LYS A 267 -30.94 32.17 11.13
N GLN A 268 -30.70 31.38 10.06
CA GLN A 268 -31.70 30.82 9.14
C GLN A 268 -31.93 29.33 9.34
N ARG A 269 -33.19 28.91 9.19
CA ARG A 269 -33.60 27.52 9.29
C ARG A 269 -33.46 26.85 7.93
N LEU A 270 -32.68 25.77 7.87
CA LEU A 270 -32.51 24.95 6.68
C LEU A 270 -33.26 23.65 6.93
N GLU A 271 -34.26 23.36 6.09
CA GLU A 271 -35.06 22.15 6.23
C GLU A 271 -34.79 21.22 5.06
N PHE A 272 -34.69 19.91 5.36
CA PHE A 272 -34.38 18.89 4.35
C PHE A 272 -35.56 17.97 4.08
N ASP A 273 -35.71 17.56 2.81
CA ASP A 273 -36.77 16.66 2.35
C ASP A 273 -36.47 15.20 2.75
N ILE A 274 -36.41 14.95 4.08
CA ILE A 274 -36.16 13.64 4.72
C ILE A 274 -36.59 13.66 6.18
N SER A 275 -37.31 12.62 6.61
CA SER A 275 -37.77 12.49 8.00
C SER A 275 -36.58 12.13 8.90
N VAL A 276 -36.65 12.54 10.19
CA VAL A 276 -35.62 12.31 11.22
C VAL A 276 -35.46 10.82 11.54
N CYS A 277 -36.59 10.07 11.54
CA CYS A 277 -36.63 8.62 11.77
C CYS A 277 -35.95 7.86 10.61
N ASP A 278 -35.89 8.48 9.42
CA ASP A 278 -35.32 7.94 8.18
C ASP A 278 -33.81 8.17 7.98
N LEU A 279 -33.14 8.87 8.92
CA LEU A 279 -31.70 9.14 8.85
C LEU A 279 -30.89 7.84 9.05
N PRO A 280 -30.12 7.34 8.05
CA PRO A 280 -29.31 6.13 8.30
C PRO A 280 -28.27 6.37 9.41
N ARG A 281 -27.80 5.30 10.05
CA ARG A 281 -26.82 5.38 11.13
C ARG A 281 -25.54 6.15 10.72
N MET A 282 -25.10 6.00 9.46
CA MET A 282 -23.89 6.63 8.90
C MET A 282 -24.18 7.90 8.06
N ALA A 283 -25.29 8.58 8.41
CA ALA A 283 -25.70 9.83 7.75
C ALA A 283 -24.67 10.92 8.01
N ARG A 284 -24.31 11.63 6.95
CA ARG A 284 -23.29 12.67 6.96
C ARG A 284 -23.90 13.99 6.46
N LEU A 285 -23.82 15.04 7.30
CA LEU A 285 -24.28 16.38 6.94
C LEU A 285 -23.07 17.15 6.42
N CYS A 286 -23.12 17.52 5.14
CA CYS A 286 -22.04 18.18 4.42
C CYS A 286 -22.38 19.62 4.11
N PHE A 287 -21.36 20.50 4.15
CA PHE A 287 -21.46 21.93 3.88
C PHE A 287 -20.40 22.42 2.90
N ALA A 288 -20.73 23.48 2.16
CA ALA A 288 -19.80 24.18 1.27
C ALA A 288 -20.10 25.68 1.34
N LEU A 289 -19.10 26.46 1.75
CA LEU A 289 -19.17 27.92 1.83
C LEU A 289 -18.51 28.42 0.54
N TYR A 290 -19.26 29.16 -0.28
CA TYR A 290 -18.73 29.71 -1.54
C TYR A 290 -19.27 31.12 -1.77
N ALA A 291 -18.68 31.82 -2.76
CA ALA A 291 -19.05 33.18 -3.10
C ALA A 291 -19.64 33.26 -4.50
N VAL A 292 -20.64 34.15 -4.70
CA VAL A 292 -21.30 34.30 -5.99
C VAL A 292 -21.47 35.80 -6.40
N VAL A 293 -21.46 36.04 -7.73
CA VAL A 293 -21.66 37.35 -8.37
C VAL A 293 -23.17 37.60 -8.42
N ASP A 310 -18.44 31.27 -10.13
CA ASP A 310 -18.36 30.51 -8.88
C ASP A 310 -16.95 30.54 -8.28
N CYS A 311 -16.87 30.85 -6.97
CA CYS A 311 -15.61 30.91 -6.23
C CYS A 311 -15.70 30.02 -5.00
N PRO A 312 -15.07 28.81 -5.02
CA PRO A 312 -15.11 27.94 -3.84
C PRO A 312 -14.21 28.49 -2.73
N ILE A 313 -14.67 28.40 -1.48
CA ILE A 313 -13.93 28.90 -0.32
C ILE A 313 -13.57 27.76 0.63
N ALA A 314 -14.59 27.10 1.22
CA ALA A 314 -14.36 26.02 2.18
C ALA A 314 -15.48 24.99 2.21
N TRP A 315 -15.23 23.87 2.91
CA TRP A 315 -16.17 22.77 3.08
C TRP A 315 -16.02 22.19 4.47
N ALA A 316 -17.06 21.54 5.00
CA ALA A 316 -17.08 20.89 6.31
C ALA A 316 -18.17 19.84 6.40
N ASN A 317 -17.84 18.67 6.97
CA ASN A 317 -18.77 17.57 7.15
C ASN A 317 -18.78 17.14 8.60
N LEU A 318 -19.88 16.53 9.03
CA LEU A 318 -20.05 15.89 10.33
C LEU A 318 -21.09 14.78 10.28
N MET A 319 -20.92 13.80 11.16
CA MET A 319 -21.83 12.68 11.33
C MET A 319 -22.99 13.22 12.17
N LEU A 320 -24.23 12.80 11.83
CA LEU A 320 -25.41 13.26 12.56
C LEU A 320 -25.58 12.52 13.88
N PHE A 321 -24.98 11.34 13.98
CA PHE A 321 -24.93 10.55 15.20
C PHE A 321 -23.49 10.52 15.68
N ASP A 322 -23.27 10.58 17.00
CA ASP A 322 -21.93 10.55 17.58
C ASP A 322 -21.35 9.13 17.55
N TYR A 323 -20.15 8.93 18.17
CA TYR A 323 -19.50 7.62 18.23
C TYR A 323 -20.26 6.63 19.13
N LYS A 324 -21.09 7.14 20.06
CA LYS A 324 -21.90 6.33 21.00
C LYS A 324 -23.37 6.13 20.55
N ASP A 325 -23.64 6.33 19.24
CA ASP A 325 -24.95 6.16 18.55
C ASP A 325 -26.00 7.23 18.89
N GLN A 326 -25.67 8.18 19.79
CA GLN A 326 -26.60 9.28 20.15
C GLN A 326 -26.71 10.31 19.03
N LEU A 327 -27.97 10.70 18.70
CA LEU A 327 -28.30 11.72 17.71
C LEU A 327 -27.89 13.07 18.31
N LYS A 328 -27.04 13.79 17.57
CA LYS A 328 -26.40 15.04 18.00
C LYS A 328 -27.34 16.23 18.21
N THR A 329 -27.10 16.96 19.33
CA THR A 329 -27.73 18.21 19.80
C THR A 329 -26.67 18.96 20.68
N GLY A 330 -26.51 20.29 20.56
CA GLY A 330 -27.22 21.19 19.66
C GLY A 330 -26.29 22.08 18.87
N GLU A 331 -25.59 23.03 19.55
CA GLU A 331 -24.68 23.96 18.85
C GLU A 331 -23.33 23.32 18.46
N ARG A 332 -22.95 23.50 17.19
CA ARG A 332 -21.71 22.96 16.65
C ARG A 332 -20.92 24.01 15.86
N CYS A 333 -19.64 24.18 16.19
CA CYS A 333 -18.77 25.10 15.45
C CYS A 333 -17.91 24.26 14.52
N LEU A 334 -18.09 24.44 13.22
CA LEU A 334 -17.36 23.65 12.25
C LEU A 334 -16.18 24.39 11.65
N TYR A 335 -14.96 23.98 12.04
CA TYR A 335 -13.72 24.57 11.52
C TYR A 335 -13.50 23.93 10.16
N MET A 336 -13.69 24.75 9.11
CA MET A 336 -13.71 24.38 7.71
C MET A 336 -12.36 24.19 7.05
N TRP A 337 -12.34 23.32 6.03
CA TRP A 337 -11.15 23.03 5.24
C TRP A 337 -11.19 23.85 3.95
N PRO A 338 -10.04 24.40 3.48
CA PRO A 338 -10.08 25.17 2.21
C PRO A 338 -10.36 24.26 1.01
N SER A 339 -10.89 24.84 -0.09
CA SER A 339 -11.24 24.08 -1.29
C SER A 339 -10.09 23.98 -2.32
N VAL A 340 -10.37 23.41 -3.52
CA VAL A 340 -9.42 23.18 -4.61
C VAL A 340 -8.88 24.50 -5.18
N LEU A 347 -19.57 21.52 -5.38
CA LEU A 347 -18.79 22.14 -4.30
C LEU A 347 -18.77 21.29 -3.04
N LEU A 348 -19.85 20.51 -2.80
CA LEU A 348 -20.00 19.60 -1.66
C LEU A 348 -19.01 18.45 -1.78
N ASN A 349 -18.39 18.07 -0.65
CA ASN A 349 -17.35 17.03 -0.61
C ASN A 349 -17.71 15.89 0.36
N PRO A 350 -18.66 14.99 -0.01
CA PRO A 350 -19.04 13.91 0.91
C PRO A 350 -17.91 13.00 1.40
N ALA A 351 -16.90 12.70 0.55
CA ALA A 351 -15.79 11.81 0.93
C ALA A 351 -14.74 12.48 1.86
N GLY A 352 -14.86 13.79 2.06
CA GLY A 352 -13.98 14.53 2.96
C GLY A 352 -14.16 14.13 4.41
N THR A 353 -13.10 14.30 5.23
CA THR A 353 -13.10 13.96 6.66
C THR A 353 -14.28 14.63 7.41
N VAL A 354 -14.78 13.98 8.46
CA VAL A 354 -15.89 14.47 9.31
C VAL A 354 -15.36 15.10 10.61
N ARG A 355 -14.05 15.40 10.62
CA ARG A 355 -13.39 16.05 11.73
C ARG A 355 -12.97 17.43 11.26
N GLY A 356 -13.14 18.41 12.14
CA GLY A 356 -12.83 19.80 11.85
C GLY A 356 -11.36 20.08 11.70
N ASN A 357 -11.04 21.12 10.91
CA ASN A 357 -9.69 21.60 10.64
C ASN A 357 -8.99 21.95 11.98
N PRO A 358 -7.81 21.34 12.31
CA PRO A 358 -7.16 21.61 13.61
C PRO A 358 -6.55 23.01 13.72
N ASN A 359 -6.34 23.68 12.58
CA ASN A 359 -5.79 25.04 12.54
C ASN A 359 -6.93 26.04 12.82
N THR A 360 -7.40 26.06 14.07
CA THR A 360 -8.50 26.91 14.55
C THR A 360 -8.19 28.42 14.49
N GLU A 361 -6.91 28.80 14.36
CA GLU A 361 -6.46 30.20 14.28
C GLU A 361 -6.81 30.83 12.93
N SER A 362 -6.51 30.14 11.82
CA SER A 362 -6.74 30.67 10.48
C SER A 362 -7.98 30.14 9.75
N ALA A 363 -8.51 28.97 10.14
CA ALA A 363 -9.65 28.34 9.48
C ALA A 363 -10.96 29.11 9.59
N ALA A 364 -11.74 29.12 8.49
CA ALA A 364 -13.07 29.73 8.45
C ALA A 364 -13.97 28.82 9.26
N ALA A 365 -14.80 29.39 10.14
CA ALA A 365 -15.69 28.61 10.99
C ALA A 365 -17.16 28.83 10.61
N LEU A 366 -17.98 27.78 10.76
CA LEU A 366 -19.41 27.85 10.47
C LEU A 366 -20.16 27.31 11.67
N VAL A 367 -20.88 28.18 12.39
CA VAL A 367 -21.63 27.76 13.57
C VAL A 367 -23.05 27.38 13.13
N ILE A 368 -23.51 26.22 13.63
CA ILE A 368 -24.83 25.65 13.31
C ILE A 368 -25.50 25.17 14.61
N TYR A 369 -26.82 24.92 14.56
CA TYR A 369 -27.59 24.39 15.70
C TYR A 369 -28.45 23.19 15.25
N LEU A 370 -28.31 22.07 15.96
CA LEU A 370 -29.04 20.81 15.76
C LEU A 370 -30.20 20.85 16.76
N PRO A 371 -31.47 20.86 16.30
CA PRO A 371 -32.60 20.98 17.25
C PRO A 371 -32.74 19.85 18.26
N GLU A 372 -33.06 20.20 19.52
CA GLU A 372 -33.30 19.24 20.61
C GLU A 372 -34.65 18.57 20.34
N VAL A 373 -34.60 17.43 19.62
CA VAL A 373 -35.76 16.61 19.20
C VAL A 373 -36.54 16.00 20.40
N ALA A 374 -35.95 16.03 21.62
CA ALA A 374 -36.56 15.57 22.87
C ALA A 374 -37.66 16.53 23.28
N PRO A 377 -32.84 12.59 24.75
CA PRO A 377 -31.68 11.78 24.35
C PRO A 377 -32.12 10.56 23.53
N VAL A 378 -31.86 10.62 22.21
CA VAL A 378 -32.24 9.56 21.26
C VAL A 378 -31.01 8.91 20.59
N TYR A 379 -30.97 7.57 20.61
CA TYR A 379 -29.91 6.75 20.03
C TYR A 379 -30.46 6.00 18.81
N PHE A 380 -29.55 5.55 17.91
CA PHE A 380 -29.98 4.76 16.76
C PHE A 380 -30.45 3.40 17.32
N PRO A 381 -31.60 2.84 16.85
CA PRO A 381 -32.06 1.55 17.41
C PRO A 381 -30.98 0.47 17.38
N ALA A 382 -30.88 -0.33 18.46
CA ALA A 382 -29.93 -1.46 18.57
C ALA A 382 -30.22 -2.51 17.49
N LEU A 383 -29.26 -3.42 17.21
CA LEU A 383 -29.41 -4.46 16.18
C LEU A 383 -30.66 -5.35 16.40
N GLU A 384 -30.95 -5.74 17.67
CA GLU A 384 -32.13 -6.54 18.03
C GLU A 384 -33.45 -5.88 17.57
N LYS A 385 -33.54 -4.54 17.67
CA LYS A 385 -34.70 -3.77 17.22
C LYS A 385 -34.81 -3.73 15.69
N ILE A 386 -33.65 -3.53 15.00
CA ILE A 386 -33.55 -3.50 13.54
C ILE A 386 -33.99 -4.86 12.95
N LEU A 387 -33.46 -5.97 13.51
CA LEU A 387 -33.77 -7.34 13.05
C LEU A 387 -35.25 -7.70 13.26
N GLU A 388 -35.86 -7.22 14.38
CA GLU A 388 -37.28 -7.42 14.70
C GLU A 388 -38.17 -6.75 13.62
N LEU A 389 -37.81 -5.52 13.20
CA LEU A 389 -38.56 -4.80 12.15
C LEU A 389 -38.27 -5.38 10.75
N GLY A 390 -36.99 -5.71 10.51
CA GLY A 390 -36.53 -6.26 9.24
C GLY A 390 -36.99 -7.68 8.95
N ARG A 391 -37.37 -8.43 10.01
CA ARG A 391 -37.91 -9.80 9.97
C ARG A 391 -39.19 -9.88 9.13
N ILE A 392 -39.90 -8.75 9.01
CA ILE A 392 -41.14 -8.57 8.26
C ILE A 392 -40.86 -7.66 7.06
N THR A 399 -39.23 -16.77 -16.66
CA THR A 399 -40.15 -16.73 -15.51
C THR A 399 -39.71 -15.59 -14.55
N GLU A 400 -39.21 -14.46 -15.12
CA GLU A 400 -38.68 -13.26 -14.42
C GLU A 400 -37.38 -13.55 -13.63
N GLU A 401 -37.13 -14.84 -13.29
CA GLU A 401 -35.94 -15.33 -12.61
C GLU A 401 -34.78 -15.29 -13.62
N GLU A 402 -35.14 -15.39 -14.92
CA GLU A 402 -34.24 -15.35 -16.07
C GLU A 402 -33.61 -13.96 -16.24
N LEU A 403 -34.45 -12.88 -16.29
CA LEU A 403 -33.94 -11.51 -16.45
C LEU A 403 -33.22 -11.02 -15.18
N ARG A 404 -33.59 -11.59 -14.02
CA ARG A 404 -32.98 -11.32 -12.71
C ARG A 404 -31.52 -11.77 -12.72
N GLU A 405 -31.25 -12.92 -13.36
CA GLU A 405 -29.94 -13.53 -13.48
C GLU A 405 -29.02 -12.77 -14.46
N ILE A 406 -29.54 -12.29 -15.62
CA ILE A 406 -28.77 -11.59 -16.65
C ILE A 406 -28.28 -10.19 -16.17
N LEU A 407 -29.06 -9.49 -15.32
CA LEU A 407 -28.67 -8.17 -14.83
C LEU A 407 -27.62 -8.26 -13.71
N GLU A 408 -27.43 -9.47 -13.14
CA GLU A 408 -26.44 -9.72 -12.10
C GLU A 408 -25.12 -10.32 -12.66
N ARG A 409 -24.57 -9.62 -13.69
CA ARG A 409 -23.31 -9.90 -14.41
C ARG A 409 -22.99 -8.80 -15.41
N GLU A 414 -24.27 0.49 -13.40
CA GLU A 414 -25.35 1.31 -13.96
C GLU A 414 -26.48 0.41 -14.47
N LEU A 415 -27.71 0.63 -13.96
CA LEU A 415 -28.90 -0.15 -14.31
C LEU A 415 -30.20 0.68 -14.22
N TYR A 416 -31.24 0.29 -15.00
CA TYR A 416 -32.54 0.98 -15.07
C TYR A 416 -33.37 0.84 -13.77
N GLU A 417 -34.34 1.75 -13.59
CA GLU A 417 -35.21 1.83 -12.41
C GLU A 417 -36.08 0.59 -12.20
N HIS A 418 -36.60 -0.02 -13.29
CA HIS A 418 -37.43 -1.24 -13.19
C HIS A 418 -36.56 -2.43 -12.78
N GLU A 419 -35.29 -2.48 -13.26
CA GLU A 419 -34.31 -3.51 -12.93
C GLU A 419 -33.95 -3.43 -11.45
N LYS A 420 -33.82 -2.21 -10.90
CA LYS A 420 -33.52 -1.94 -9.48
C LYS A 420 -34.63 -2.49 -8.57
N ASP A 421 -35.90 -2.32 -8.98
CA ASP A 421 -37.08 -2.82 -8.24
C ASP A 421 -37.12 -4.36 -8.26
N LEU A 422 -36.70 -4.98 -9.39
CA LEU A 422 -36.63 -6.44 -9.58
C LEU A 422 -35.70 -7.05 -8.53
N VAL A 423 -34.47 -6.48 -8.41
CA VAL A 423 -33.46 -6.88 -7.43
C VAL A 423 -34.00 -6.72 -6.01
N TRP A 424 -34.60 -5.55 -5.70
CA TRP A 424 -35.14 -5.31 -4.37
C TRP A 424 -36.29 -6.28 -4.00
N LYS A 425 -37.25 -6.51 -4.92
CA LYS A 425 -38.38 -7.44 -4.70
C LYS A 425 -37.89 -8.86 -4.42
N MET A 426 -36.92 -9.33 -5.22
CA MET A 426 -36.36 -10.67 -5.12
C MET A 426 -35.08 -10.75 -4.26
N ARG A 427 -34.93 -9.83 -3.29
CA ARG A 427 -33.77 -9.74 -2.38
C ARG A 427 -33.46 -11.04 -1.63
N HIS A 428 -34.50 -11.81 -1.25
CA HIS A 428 -34.37 -13.09 -0.52
C HIS A 428 -33.72 -14.16 -1.40
N GLU A 429 -34.04 -14.13 -2.71
CA GLU A 429 -33.50 -15.04 -3.72
C GLU A 429 -32.02 -14.70 -3.99
N VAL A 430 -31.65 -13.40 -3.86
CA VAL A 430 -30.25 -12.91 -3.99
C VAL A 430 -29.46 -13.53 -2.84
N GLN A 431 -29.97 -13.45 -1.60
CA GLN A 431 -29.31 -14.04 -0.43
C GLN A 431 -29.10 -15.55 -0.52
N GLU A 432 -30.15 -16.29 -0.94
CA GLU A 432 -30.16 -17.75 -1.00
C GLU A 432 -29.41 -18.38 -2.17
N HIS A 433 -29.47 -17.80 -3.39
CA HIS A 433 -28.85 -18.41 -4.57
C HIS A 433 -27.78 -17.54 -5.28
N PHE A 434 -27.70 -16.23 -4.98
CA PHE A 434 -26.70 -15.33 -5.57
C PHE A 434 -26.01 -14.47 -4.48
N PRO A 435 -25.46 -15.07 -3.38
CA PRO A 435 -24.88 -14.23 -2.32
C PRO A 435 -23.75 -13.28 -2.73
N GLU A 436 -22.96 -13.61 -3.78
CA GLU A 436 -21.87 -12.75 -4.25
C GLU A 436 -22.35 -11.48 -4.98
N ALA A 437 -23.69 -11.32 -5.11
CA ALA A 437 -24.32 -10.15 -5.75
C ALA A 437 -24.80 -9.13 -4.69
N LEU A 438 -24.43 -9.35 -3.41
CA LEU A 438 -24.74 -8.48 -2.27
C LEU A 438 -24.47 -6.98 -2.58
N ALA A 439 -23.32 -6.66 -3.22
CA ALA A 439 -22.95 -5.30 -3.59
C ALA A 439 -24.04 -4.64 -4.45
N ARG A 440 -24.52 -5.37 -5.49
CA ARG A 440 -25.57 -4.90 -6.40
C ARG A 440 -26.89 -4.63 -5.63
N LEU A 441 -27.23 -5.50 -4.65
CA LEU A 441 -28.40 -5.37 -3.80
C LEU A 441 -28.25 -4.16 -2.87
N LEU A 442 -27.05 -3.95 -2.29
CA LEU A 442 -26.77 -2.79 -1.43
C LEU A 442 -26.88 -1.45 -2.19
N LEU A 443 -26.57 -1.43 -3.49
CA LEU A 443 -26.65 -0.23 -4.32
C LEU A 443 -28.10 0.10 -4.77
N VAL A 444 -29.04 -0.87 -4.65
CA VAL A 444 -30.46 -0.67 -5.03
C VAL A 444 -31.34 -0.35 -3.80
N THR A 445 -30.95 -0.76 -2.58
CA THR A 445 -31.71 -0.46 -1.36
C THR A 445 -31.83 1.05 -1.14
N LYS A 446 -33.01 1.48 -0.67
CA LYS A 446 -33.28 2.90 -0.41
C LYS A 446 -32.76 3.21 0.98
N TRP A 447 -31.55 3.78 1.06
CA TRP A 447 -30.90 4.12 2.33
C TRP A 447 -31.59 5.30 3.07
N ASN A 448 -32.46 6.05 2.36
CA ASN A 448 -33.21 7.19 2.92
C ASN A 448 -34.61 6.80 3.48
N LYS A 449 -34.88 5.48 3.60
CA LYS A 449 -36.11 4.89 4.16
C LYS A 449 -35.67 3.82 5.15
N HIS A 450 -35.94 4.02 6.45
CA HIS A 450 -35.49 3.14 7.53
C HIS A 450 -36.09 1.72 7.51
N GLU A 451 -37.29 1.55 6.91
CA GLU A 451 -37.94 0.25 6.78
C GLU A 451 -37.16 -0.59 5.78
N ASP A 452 -36.74 0.03 4.65
CA ASP A 452 -35.93 -0.60 3.60
C ASP A 452 -34.54 -1.02 4.12
N VAL A 453 -33.93 -0.19 5.00
CA VAL A 453 -32.62 -0.42 5.63
C VAL A 453 -32.71 -1.61 6.58
N ALA A 454 -33.76 -1.65 7.44
CA ALA A 454 -33.99 -2.73 8.40
C ALA A 454 -34.20 -4.05 7.65
N GLN A 455 -34.88 -4.01 6.49
CA GLN A 455 -35.12 -5.18 5.63
C GLN A 455 -33.79 -5.66 5.03
N MET A 456 -32.92 -4.72 4.65
CA MET A 456 -31.59 -5.01 4.09
C MET A 456 -30.70 -5.65 5.16
N LEU A 457 -30.59 -5.00 6.33
CA LEU A 457 -29.80 -5.42 7.49
C LEU A 457 -30.23 -6.79 8.04
N TYR A 458 -31.55 -7.13 7.94
CA TYR A 458 -32.05 -8.45 8.34
C TYR A 458 -31.40 -9.55 7.47
N LEU A 459 -31.30 -9.31 6.15
CA LEU A 459 -30.64 -10.25 5.22
C LEU A 459 -29.11 -10.27 5.42
N LEU A 460 -28.51 -9.10 5.67
CA LEU A 460 -27.07 -8.97 5.86
C LEU A 460 -26.53 -9.74 7.07
N CYS A 461 -27.29 -9.77 8.17
CA CYS A 461 -26.90 -10.42 9.41
C CYS A 461 -26.92 -11.95 9.36
N SER A 462 -27.54 -12.52 8.33
CA SER A 462 -27.58 -13.97 8.12
C SER A 462 -26.97 -14.32 6.73
N TRP A 463 -26.33 -13.32 6.07
CA TRP A 463 -25.68 -13.45 4.75
C TRP A 463 -24.40 -14.30 4.87
N PRO A 464 -24.19 -15.31 4.00
CA PRO A 464 -22.94 -16.09 4.13
C PRO A 464 -21.70 -15.24 3.86
N GLU A 465 -20.54 -15.62 4.45
CA GLU A 465 -19.27 -14.94 4.21
C GLU A 465 -18.92 -15.03 2.72
N LEU A 466 -18.37 -13.93 2.18
CA LEU A 466 -18.07 -13.83 0.75
C LEU A 466 -16.56 -13.97 0.49
N PRO A 467 -16.12 -14.30 -0.74
CA PRO A 467 -14.66 -14.38 -1.01
C PRO A 467 -13.94 -13.04 -0.77
N VAL A 468 -12.61 -13.10 -0.53
CA VAL A 468 -11.75 -11.94 -0.30
C VAL A 468 -11.97 -10.82 -1.36
N LEU A 469 -12.12 -11.18 -2.67
CA LEU A 469 -12.36 -10.23 -3.78
C LEU A 469 -13.65 -9.42 -3.59
N SER A 470 -14.71 -10.11 -3.14
CA SER A 470 -16.02 -9.51 -2.88
C SER A 470 -15.96 -8.51 -1.73
N ALA A 471 -15.27 -8.89 -0.62
CA ALA A 471 -15.11 -8.07 0.57
C ALA A 471 -14.32 -6.78 0.34
N LEU A 472 -13.32 -6.80 -0.60
CA LEU A 472 -12.49 -5.64 -0.96
C LEU A 472 -13.34 -4.59 -1.62
N GLU A 473 -14.33 -5.03 -2.42
CA GLU A 473 -15.29 -4.14 -3.07
C GLU A 473 -16.14 -3.45 -2.01
N LEU A 474 -16.57 -4.21 -0.98
CA LEU A 474 -17.44 -3.72 0.11
C LEU A 474 -16.78 -2.72 1.03
N LEU A 475 -15.43 -2.57 0.93
CA LEU A 475 -14.71 -1.57 1.72
C LEU A 475 -14.79 -0.17 1.11
N ASP A 476 -15.27 -0.05 -0.12
CA ASP A 476 -15.35 1.24 -0.79
C ASP A 476 -16.41 2.17 -0.17
N PHE A 477 -16.19 3.49 -0.34
CA PHE A 477 -17.07 4.52 0.19
C PHE A 477 -18.51 4.42 -0.35
N SER A 478 -18.70 3.68 -1.47
CA SER A 478 -20.01 3.35 -2.10
C SER A 478 -20.87 2.48 -1.19
N PHE A 479 -20.25 1.87 -0.14
CA PHE A 479 -20.90 1.02 0.86
C PHE A 479 -20.65 1.64 2.26
N PRO A 480 -21.23 2.83 2.55
CA PRO A 480 -20.90 3.54 3.80
C PRO A 480 -21.48 3.00 5.11
N ASP A 481 -22.45 2.08 5.07
CA ASP A 481 -23.07 1.57 6.29
C ASP A 481 -22.08 0.79 7.17
N CYS A 482 -22.20 0.97 8.51
CA CYS A 482 -21.34 0.32 9.52
C CYS A 482 -21.49 -1.19 9.58
N TYR A 483 -22.72 -1.71 9.42
CA TYR A 483 -22.94 -3.16 9.43
C TYR A 483 -22.33 -3.80 8.21
N VAL A 484 -22.40 -3.11 7.06
CA VAL A 484 -21.80 -3.53 5.79
C VAL A 484 -20.27 -3.53 5.96
N GLY A 485 -19.74 -2.50 6.63
CA GLY A 485 -18.32 -2.36 6.92
C GLY A 485 -17.81 -3.48 7.78
N SER A 486 -18.58 -3.82 8.85
CA SER A 486 -18.28 -4.92 9.75
C SER A 486 -18.37 -6.27 9.02
N PHE A 487 -19.31 -6.41 8.05
CA PHE A 487 -19.45 -7.63 7.24
C PHE A 487 -18.21 -7.82 6.35
N ALA A 488 -17.74 -6.73 5.70
CA ALA A 488 -16.58 -6.75 4.81
C ALA A 488 -15.36 -7.23 5.58
N ILE A 489 -15.14 -6.69 6.81
CA ILE A 489 -14.02 -7.05 7.68
C ILE A 489 -14.09 -8.54 8.06
N LYS A 490 -15.29 -9.04 8.47
CA LYS A 490 -15.52 -10.45 8.85
C LYS A 490 -15.13 -11.42 7.74
N SER A 491 -15.43 -11.07 6.48
CA SER A 491 -15.07 -11.85 5.29
C SER A 491 -13.57 -11.72 4.95
N LEU A 492 -12.91 -10.67 5.47
CA LEU A 492 -11.47 -10.40 5.24
C LEU A 492 -10.55 -11.01 6.29
N ARG A 493 -11.12 -11.63 7.34
CA ARG A 493 -10.34 -12.31 8.38
C ARG A 493 -9.60 -13.55 7.84
N LYS A 494 -10.08 -14.12 6.72
CA LYS A 494 -9.47 -15.27 6.08
C LYS A 494 -8.27 -14.88 5.18
N LEU A 495 -8.04 -13.56 4.96
CA LEU A 495 -6.87 -13.03 4.24
C LEU A 495 -5.64 -13.68 4.89
N THR A 496 -4.72 -14.24 4.10
CA THR A 496 -3.49 -14.82 4.64
C THR A 496 -2.59 -13.59 4.94
N ASP A 497 -1.51 -13.75 5.69
CA ASP A 497 -0.62 -12.59 5.92
C ASP A 497 -0.03 -12.08 4.58
N ASP A 498 0.18 -12.99 3.59
CA ASP A 498 0.74 -12.64 2.29
C ASP A 498 -0.22 -11.80 1.48
N GLU A 499 -1.52 -12.14 1.51
CA GLU A 499 -2.58 -11.38 0.83
C GLU A 499 -2.81 -10.06 1.55
N LEU A 500 -2.75 -10.08 2.89
CA LEU A 500 -2.93 -8.87 3.70
C LEU A 500 -1.82 -7.86 3.39
N PHE A 501 -0.58 -8.34 3.33
CA PHE A 501 0.57 -7.53 2.97
C PHE A 501 0.41 -6.92 1.57
N GLN A 502 -0.03 -7.73 0.59
CA GLN A 502 -0.27 -7.33 -0.79
C GLN A 502 -1.27 -6.14 -0.88
N TYR A 503 -2.28 -6.13 0.00
CA TYR A 503 -3.33 -5.10 -0.01
C TYR A 503 -3.24 -4.11 1.14
N LEU A 504 -2.17 -4.16 1.95
CA LEU A 504 -2.01 -3.28 3.12
C LEU A 504 -2.07 -1.79 2.78
N LEU A 505 -1.46 -1.40 1.66
CA LEU A 505 -1.48 -0.01 1.21
C LEU A 505 -2.92 0.53 1.05
N GLN A 506 -3.82 -0.24 0.40
CA GLN A 506 -5.19 0.18 0.15
C GLN A 506 -6.02 0.20 1.44
N LEU A 507 -5.84 -0.81 2.30
CA LEU A 507 -6.53 -0.94 3.58
C LEU A 507 -6.24 0.25 4.49
N VAL A 508 -5.00 0.77 4.44
CA VAL A 508 -4.61 1.97 5.20
C VAL A 508 -5.31 3.17 4.60
N GLN A 509 -5.35 3.28 3.25
CA GLN A 509 -6.05 4.39 2.59
C GLN A 509 -7.54 4.45 2.94
N VAL A 510 -8.19 3.27 3.13
CA VAL A 510 -9.62 3.12 3.51
C VAL A 510 -9.88 3.82 4.87
N LEU A 511 -8.86 3.88 5.76
CA LEU A 511 -8.94 4.57 7.06
C LEU A 511 -9.34 6.04 6.93
N LYS A 512 -9.02 6.66 5.77
CA LYS A 512 -9.34 8.07 5.43
C LYS A 512 -10.83 8.32 5.14
N TYR A 513 -11.57 7.23 4.86
CA TYR A 513 -13.01 7.23 4.60
C TYR A 513 -13.78 6.95 5.91
N GLU A 514 -13.09 6.47 6.98
CA GLU A 514 -13.71 6.14 8.28
C GLU A 514 -14.34 7.34 8.99
N SER A 515 -15.54 7.13 9.53
CA SER A 515 -16.33 8.15 10.20
C SER A 515 -15.97 8.36 11.67
N TYR A 516 -15.61 7.29 12.39
CA TYR A 516 -15.25 7.28 13.81
C TYR A 516 -13.87 6.66 14.01
N LEU A 517 -13.18 7.02 15.11
CA LEU A 517 -11.84 6.51 15.45
C LEU A 517 -11.85 5.03 15.79
N ASP A 518 -12.72 4.59 16.73
CA ASP A 518 -12.80 3.19 17.10
C ASP A 518 -13.65 2.50 16.04
N CYS A 519 -13.02 1.67 15.19
CA CYS A 519 -13.70 1.00 14.09
C CYS A 519 -13.14 -0.41 13.85
N GLU A 520 -13.91 -1.26 13.14
CA GLU A 520 -13.51 -2.64 12.86
C GLU A 520 -12.23 -2.72 12.06
N LEU A 521 -12.04 -1.81 11.09
CA LEU A 521 -10.83 -1.80 10.25
C LEU A 521 -9.56 -1.53 11.07
N THR A 522 -9.59 -0.53 11.96
CA THR A 522 -8.45 -0.20 12.83
C THR A 522 -8.15 -1.38 13.75
N LYS A 523 -9.19 -1.98 14.37
CA LYS A 523 -8.99 -3.14 15.25
C LYS A 523 -8.39 -4.30 14.47
N PHE A 524 -8.89 -4.53 13.24
CA PHE A 524 -8.40 -5.59 12.37
C PHE A 524 -6.92 -5.35 12.03
N LEU A 525 -6.56 -4.15 11.54
CA LEU A 525 -5.19 -3.79 11.17
C LEU A 525 -4.23 -3.93 12.33
N LEU A 526 -4.59 -3.39 13.51
CA LEU A 526 -3.81 -3.47 14.74
C LEU A 526 -3.61 -4.93 15.18
N GLY A 527 -4.65 -5.77 15.10
CA GLY A 527 -4.56 -7.18 15.47
C GLY A 527 -3.60 -7.96 14.59
N ARG A 528 -3.76 -7.81 13.28
CA ARG A 528 -2.89 -8.50 12.29
C ARG A 528 -1.45 -8.01 12.38
N ALA A 529 -1.27 -6.69 12.63
CA ALA A 529 0.06 -6.06 12.80
C ALA A 529 0.80 -6.56 14.03
N LEU A 530 0.05 -6.84 15.11
CA LEU A 530 0.65 -7.31 16.34
C LEU A 530 0.92 -8.81 16.31
N ALA A 531 0.31 -9.53 15.37
CA ALA A 531 0.51 -10.97 15.18
C ALA A 531 1.58 -11.24 14.11
N ASN A 532 2.06 -10.20 13.40
CA ASN A 532 3.06 -10.37 12.34
C ASN A 532 3.93 -9.12 12.28
N ARG A 533 5.20 -9.27 12.64
CA ARG A 533 6.16 -8.19 12.73
C ARG A 533 6.39 -7.44 11.39
N LYS A 534 6.32 -8.14 10.22
CA LYS A 534 6.46 -7.52 8.88
C LYS A 534 5.27 -6.59 8.60
N ILE A 535 4.04 -7.06 8.93
CA ILE A 535 2.81 -6.29 8.78
C ILE A 535 2.87 -5.05 9.68
N GLY A 536 3.33 -5.25 10.92
CA GLY A 536 3.50 -4.21 11.92
C GLY A 536 4.41 -3.08 11.44
N HIS A 537 5.57 -3.45 10.88
CA HIS A 537 6.55 -2.54 10.28
C HIS A 537 5.91 -1.64 9.19
N PHE A 538 5.25 -2.25 8.18
CA PHE A 538 4.66 -1.47 7.10
C PHE A 538 3.41 -0.71 7.52
N LEU A 539 2.63 -1.22 8.50
CA LEU A 539 1.47 -0.45 8.98
C LEU A 539 2.00 0.87 9.59
N PHE A 540 3.05 0.76 10.45
CA PHE A 540 3.69 1.91 11.07
C PHE A 540 4.14 2.92 10.01
N TRP A 541 4.93 2.50 9.01
CA TRP A 541 5.48 3.41 7.98
C TRP A 541 4.42 4.04 7.09
N HIS A 542 3.33 3.31 6.78
CA HIS A 542 2.24 3.86 5.97
C HIS A 542 1.51 4.96 6.75
N LEU A 543 1.40 4.80 8.08
CA LEU A 543 0.77 5.81 8.93
C LEU A 543 1.73 6.98 9.20
N ARG A 544 2.98 6.67 9.59
CA ARG A 544 4.01 7.66 9.92
C ARG A 544 4.30 8.61 8.79
N SER A 545 4.34 8.10 7.54
CA SER A 545 4.67 8.92 6.39
C SER A 545 3.58 9.94 6.03
N GLU A 546 2.40 9.86 6.69
CA GLU A 546 1.27 10.78 6.45
C GLU A 546 0.97 11.72 7.63
N MET A 547 1.86 11.75 8.63
CA MET A 547 1.70 12.59 9.83
C MET A 547 1.74 14.09 9.56
N HIS A 548 2.37 14.51 8.47
CA HIS A 548 2.46 15.91 8.06
C HIS A 548 1.13 16.40 7.40
N VAL A 549 0.14 15.49 7.24
CA VAL A 549 -1.17 15.76 6.62
C VAL A 549 -2.19 16.00 7.77
N PRO A 550 -2.62 17.27 7.99
CA PRO A 550 -3.54 17.58 9.11
C PRO A 550 -4.80 16.73 9.24
N SER A 551 -5.49 16.40 8.14
CA SER A 551 -6.72 15.61 8.15
C SER A 551 -6.58 14.18 8.66
N VAL A 552 -5.34 13.63 8.71
CA VAL A 552 -5.11 12.26 9.21
C VAL A 552 -4.20 12.17 10.43
N ALA A 553 -3.42 13.23 10.74
CA ALA A 553 -2.44 13.26 11.83
C ALA A 553 -2.98 12.69 13.16
N LEU A 554 -4.22 13.09 13.54
CA LEU A 554 -4.84 12.59 14.77
C LEU A 554 -5.13 11.09 14.72
N ARG A 555 -5.89 10.65 13.72
CA ARG A 555 -6.24 9.24 13.59
C ARG A 555 -4.97 8.38 13.51
N PHE A 556 -4.05 8.73 12.61
CA PHE A 556 -2.83 7.94 12.40
C PHE A 556 -1.91 7.94 13.60
N GLY A 557 -1.78 9.10 14.28
CA GLY A 557 -0.97 9.21 15.50
C GLY A 557 -1.46 8.28 16.57
N LEU A 558 -2.79 8.26 16.78
CA LEU A 558 -3.45 7.39 17.76
C LEU A 558 -3.26 5.91 17.46
N ILE A 559 -3.35 5.50 16.17
CA ILE A 559 -3.13 4.09 15.79
C ILE A 559 -1.67 3.69 16.09
N MET A 560 -0.72 4.58 15.76
CA MET A 560 0.70 4.32 16.01
C MET A 560 1.01 4.24 17.51
N GLU A 561 0.37 5.10 18.33
CA GLU A 561 0.55 5.04 19.79
C GLU A 561 0.05 3.68 20.30
N ALA A 562 -1.13 3.22 19.81
CA ALA A 562 -1.73 1.95 20.20
C ALA A 562 -0.78 0.80 19.85
N TYR A 563 -0.23 0.80 18.61
CA TYR A 563 0.73 -0.20 18.17
C TYR A 563 1.93 -0.29 19.12
N CYS A 564 2.51 0.86 19.48
CA CYS A 564 3.65 0.94 20.38
C CYS A 564 3.38 0.36 21.75
N ARG A 565 2.12 0.47 22.24
CA ARG A 565 1.66 -0.13 23.50
C ARG A 565 1.72 -1.67 23.38
N GLY A 566 1.46 -2.17 22.18
CA GLY A 566 1.51 -3.59 21.85
C GLY A 566 2.91 -4.16 21.64
N SER A 567 3.92 -3.30 21.37
CA SER A 567 5.32 -3.74 21.17
C SER A 567 6.32 -2.64 21.46
N THR A 568 6.77 -2.59 22.72
CA THR A 568 7.78 -1.65 23.19
C THR A 568 9.10 -1.88 22.44
N HIS A 569 9.45 -3.15 22.20
CA HIS A 569 10.68 -3.50 21.51
C HIS A 569 10.69 -2.98 20.05
N HIS A 570 9.62 -3.23 19.29
CA HIS A 570 9.51 -2.78 17.90
C HIS A 570 9.48 -1.27 17.82
N MET A 571 8.88 -0.58 18.84
CA MET A 571 8.92 0.88 18.95
C MET A 571 10.38 1.36 18.97
N LYS A 572 11.26 0.71 19.76
CA LYS A 572 12.69 1.08 19.84
C LYS A 572 13.43 0.80 18.50
N VAL A 573 13.10 -0.32 17.84
CA VAL A 573 13.62 -0.73 16.52
C VAL A 573 13.25 0.35 15.47
N LEU A 574 11.99 0.79 15.50
CA LEU A 574 11.47 1.85 14.62
C LEU A 574 12.09 3.22 14.94
N MET A 575 12.39 3.50 16.24
CA MET A 575 13.06 4.76 16.62
C MET A 575 14.45 4.84 15.99
N LYS A 576 15.17 3.72 15.98
CA LYS A 576 16.50 3.62 15.38
C LYS A 576 16.43 3.97 13.87
N GLN A 577 15.38 3.48 13.18
CA GLN A 577 15.14 3.83 11.77
C GLN A 577 14.86 5.32 11.59
N GLY A 578 14.04 5.89 12.47
CA GLY A 578 13.74 7.32 12.45
C GLY A 578 14.96 8.18 12.69
N GLU A 579 15.91 7.71 13.54
CA GLU A 579 17.14 8.43 13.84
C GLU A 579 18.04 8.47 12.60
N ALA A 580 18.05 7.37 11.82
CA ALA A 580 18.84 7.29 10.59
C ALA A 580 18.26 8.22 9.53
N LEU A 581 16.92 8.28 9.41
CA LEU A 581 16.23 9.15 8.46
C LEU A 581 16.42 10.62 8.75
N SER A 582 16.44 11.00 10.05
CA SER A 582 16.69 12.37 10.53
C SER A 582 18.07 12.82 10.04
N LYS A 583 19.11 11.96 10.22
CA LYS A 583 20.49 12.20 9.76
C LYS A 583 20.59 12.29 8.23
N LEU A 584 19.88 11.43 7.49
CA LEU A 584 19.84 11.44 6.03
C LEU A 584 19.24 12.75 5.47
N LYS A 585 18.21 13.28 6.13
CA LYS A 585 17.57 14.55 5.75
C LYS A 585 18.58 15.69 5.94
N ALA A 586 19.22 15.74 7.12
CA ALA A 586 20.25 16.73 7.47
C ALA A 586 21.42 16.65 6.47
N LEU A 587 21.88 15.42 6.17
CA LEU A 587 22.95 15.16 5.21
C LEU A 587 22.55 15.65 3.83
N ASN A 588 21.32 15.33 3.38
CA ASN A 588 20.80 15.74 2.06
C ASN A 588 20.68 17.25 1.92
N ASP A 589 20.24 17.94 3.00
CA ASP A 589 20.16 19.42 3.01
C ASP A 589 21.53 20.03 2.78
N PHE A 590 22.56 19.46 3.45
CA PHE A 590 23.97 19.87 3.30
C PHE A 590 24.45 19.70 1.87
N VAL A 591 24.10 18.56 1.25
CA VAL A 591 24.49 18.24 -0.12
C VAL A 591 23.82 19.20 -1.12
N LYS A 592 22.54 19.51 -0.91
CA LYS A 592 21.78 20.45 -1.74
C LYS A 592 22.37 21.86 -1.72
N VAL A 593 22.88 22.30 -0.55
CA VAL A 593 23.50 23.62 -0.39
C VAL A 593 24.87 23.61 -1.08
N SER A 594 25.74 22.65 -0.70
CA SER A 594 27.11 22.51 -1.21
C SER A 594 27.20 22.31 -2.72
N SER A 595 26.29 21.49 -3.30
CA SER A 595 26.30 21.17 -4.73
C SER A 595 26.05 22.39 -5.64
N GLN A 596 25.42 23.45 -5.10
CA GLN A 596 25.15 24.71 -5.82
C GLN A 596 26.35 25.68 -5.75
N LYS A 597 27.38 25.34 -4.95
CA LYS A 597 28.57 26.18 -4.72
C LYS A 597 29.85 25.59 -5.26
N THR A 598 30.00 24.26 -5.21
CA THR A 598 31.23 23.62 -5.62
C THR A 598 30.99 22.42 -6.56
N THR A 599 32.07 21.76 -6.98
CA THR A 599 32.01 20.60 -7.88
C THR A 599 31.45 19.37 -7.15
N LYS A 600 31.08 18.31 -7.91
CA LYS A 600 30.59 17.05 -7.37
C LYS A 600 31.70 16.34 -6.55
N PRO A 601 32.99 16.25 -6.99
CA PRO A 601 34.00 15.57 -6.14
C PRO A 601 34.20 16.26 -4.79
N GLN A 602 34.10 17.59 -4.76
CA GLN A 602 34.23 18.39 -3.54
C GLN A 602 33.02 18.22 -2.61
N THR A 603 31.78 18.21 -3.15
CA THR A 603 30.57 18.00 -2.35
C THR A 603 30.58 16.56 -1.80
N LYS A 604 31.03 15.59 -2.62
CA LYS A 604 31.12 14.17 -2.23
C LYS A 604 32.10 13.97 -1.06
N GLU A 605 33.25 14.64 -1.11
CA GLU A 605 34.24 14.56 -0.03
C GLU A 605 33.72 15.20 1.24
N MET A 606 32.95 16.30 1.10
CA MET A 606 32.33 17.00 2.22
C MET A 606 31.19 16.17 2.82
N MET A 607 30.43 15.47 1.95
CA MET A 607 29.37 14.54 2.36
C MET A 607 30.02 13.44 3.22
N HIS A 608 31.18 12.91 2.77
CA HIS A 608 31.94 11.86 3.44
C HIS A 608 32.43 12.30 4.80
N MET A 609 32.93 13.55 4.88
CA MET A 609 33.39 14.14 6.14
C MET A 609 32.24 14.27 7.13
N CYS A 610 31.05 14.71 6.65
CA CYS A 610 29.86 14.83 7.50
C CYS A 610 29.47 13.43 8.04
N MET A 611 29.43 12.42 7.15
CA MET A 611 29.08 11.04 7.53
C MET A 611 30.04 10.41 8.53
N ARG A 612 31.37 10.74 8.45
CA ARG A 612 32.37 10.16 9.34
C ARG A 612 32.35 10.72 10.78
N GLN A 613 31.47 11.68 11.06
CA GLN A 613 31.25 12.19 12.42
C GLN A 613 30.58 11.07 13.20
N GLU A 614 31.00 10.85 14.46
CA GLU A 614 30.54 9.79 15.36
C GLU A 614 29.02 9.67 15.42
N THR A 615 28.32 10.80 15.66
CA THR A 615 26.84 10.87 15.68
C THR A 615 26.22 10.32 14.37
N TYR A 616 26.79 10.64 13.19
CA TYR A 616 26.32 10.12 11.92
C TYR A 616 26.66 8.64 11.76
N MET A 617 27.93 8.25 11.99
CA MET A 617 28.38 6.86 11.90
C MET A 617 27.49 5.97 12.74
N GLU A 618 27.17 6.41 13.97
CA GLU A 618 26.31 5.72 14.93
C GLU A 618 24.86 5.61 14.44
N ALA A 619 24.22 6.74 14.10
CA ALA A 619 22.84 6.80 13.66
C ALA A 619 22.55 6.03 12.36
N LEU A 620 23.48 6.11 11.40
CA LEU A 620 23.32 5.48 10.09
C LEU A 620 23.67 4.00 10.05
N SER A 621 24.22 3.45 11.12
CA SER A 621 24.62 2.05 11.11
C SER A 621 23.74 1.21 11.99
N HIS A 622 23.71 -0.12 11.76
CA HIS A 622 23.04 -1.14 12.55
C HIS A 622 21.54 -0.92 12.73
N LEU A 623 20.82 -0.90 11.63
CA LEU A 623 19.37 -0.75 11.68
C LEU A 623 18.70 -1.72 10.73
N GLN A 624 17.39 -1.93 10.90
CA GLN A 624 16.62 -2.71 9.95
C GLN A 624 16.20 -1.72 8.89
N SER A 625 16.21 -2.16 7.63
CA SER A 625 15.81 -1.26 6.56
C SER A 625 14.30 -0.94 6.60
N PRO A 626 13.91 0.37 6.55
CA PRO A 626 12.48 0.70 6.43
C PRO A 626 11.87 0.06 5.18
N LEU A 627 12.68 -0.19 4.12
CA LEU A 627 12.23 -0.83 2.88
C LEU A 627 11.86 -2.31 3.04
N ASP A 628 12.51 -3.02 3.97
CA ASP A 628 12.32 -4.45 4.22
C ASP A 628 12.92 -4.75 5.57
N PRO A 629 12.12 -5.03 6.63
CA PRO A 629 12.72 -5.27 7.95
C PRO A 629 13.61 -6.52 8.01
N SER A 630 13.53 -7.41 7.00
CA SER A 630 14.40 -8.59 6.97
CA SER A 630 14.38 -8.60 6.92
C SER A 630 15.80 -8.20 6.48
N THR A 631 15.92 -7.04 5.81
CA THR A 631 17.21 -6.54 5.36
C THR A 631 17.86 -5.75 6.51
N LEU A 632 19.05 -6.18 6.94
CA LEU A 632 19.80 -5.48 7.98
C LEU A 632 20.88 -4.58 7.34
N LEU A 633 20.88 -3.29 7.70
CA LEU A 633 21.83 -2.29 7.21
C LEU A 633 22.87 -2.19 8.30
N GLU A 634 24.02 -2.89 8.15
CA GLU A 634 24.99 -2.94 9.23
C GLU A 634 25.95 -1.75 9.22
N GLU A 635 27.15 -1.90 8.68
CA GLU A 635 28.07 -0.77 8.70
C GLU A 635 27.96 0.03 7.42
N VAL A 636 27.67 1.33 7.57
CA VAL A 636 27.59 2.26 6.43
C VAL A 636 28.98 2.33 5.79
N CYS A 637 29.04 2.16 4.47
CA CYS A 637 30.27 2.20 3.68
CA CYS A 637 30.27 2.22 3.69
C CYS A 637 30.38 3.59 3.04
N VAL A 638 30.86 4.57 3.84
CA VAL A 638 31.01 5.98 3.50
C VAL A 638 31.68 6.21 2.14
N GLU A 639 32.79 5.48 1.85
CA GLU A 639 33.54 5.63 0.60
C GLU A 639 32.70 5.39 -0.66
N GLN A 640 31.69 4.51 -0.56
CA GLN A 640 30.81 4.21 -1.68
C GLN A 640 29.53 5.03 -1.68
N CYS A 641 29.37 5.93 -0.70
CA CYS A 641 28.15 6.76 -0.68
C CYS A 641 28.38 7.95 -1.57
N THR A 642 27.33 8.36 -2.28
CA THR A 642 27.40 9.50 -3.19
C THR A 642 26.02 10.14 -3.31
N PHE A 643 25.83 10.99 -4.29
CA PHE A 643 24.59 11.66 -4.58
C PHE A 643 24.49 11.83 -6.10
N MET A 644 23.28 12.01 -6.61
CA MET A 644 23.05 12.27 -8.03
C MET A 644 23.03 13.79 -8.15
N ASP A 645 23.97 14.36 -8.91
CA ASP A 645 24.10 15.81 -9.03
C ASP A 645 23.07 16.40 -10.01
N SER A 646 21.79 16.14 -9.73
CA SER A 646 20.64 16.57 -10.51
C SER A 646 19.41 16.61 -9.64
N LYS A 647 18.37 17.33 -10.12
CA LYS A 647 17.05 17.53 -9.52
C LYS A 647 17.09 17.69 -8.00
N MET A 648 16.54 16.70 -7.26
CA MET A 648 16.44 16.72 -5.80
C MET A 648 17.72 16.30 -5.07
N LYS A 649 18.81 16.06 -5.82
CA LYS A 649 20.11 15.61 -5.28
C LYS A 649 19.92 14.35 -4.37
N PRO A 650 19.26 13.27 -4.86
CA PRO A 650 19.07 12.09 -4.00
C PRO A 650 20.41 11.44 -3.61
N LEU A 651 20.47 10.89 -2.39
CA LEU A 651 21.65 10.24 -1.87
C LEU A 651 21.65 8.77 -2.18
N TRP A 652 22.84 8.22 -2.41
CA TRP A 652 23.11 6.80 -2.67
C TRP A 652 23.89 6.29 -1.44
N ILE A 653 23.25 5.47 -0.58
CA ILE A 653 23.86 4.99 0.67
C ILE A 653 24.15 3.50 0.66
N MET A 654 25.43 3.13 0.73
CA MET A 654 25.85 1.72 0.72
C MET A 654 26.17 1.21 2.11
N TYR A 655 25.92 -0.09 2.32
CA TYR A 655 26.16 -0.84 3.53
C TYR A 655 26.90 -2.14 3.25
N SER A 656 27.58 -2.70 4.28
CA SER A 656 28.23 -4.01 4.26
C SER A 656 28.04 -4.71 5.60
N SER A 657 28.03 -6.04 5.58
CA SER A 657 27.88 -6.88 6.77
C SER A 657 28.74 -8.11 6.62
N GLU A 658 29.71 -8.29 7.53
CA GLU A 658 30.62 -9.44 7.55
C GLU A 658 29.83 -10.73 7.70
N GLU A 659 28.78 -10.74 8.58
CA GLU A 659 27.94 -11.91 8.84
C GLU A 659 27.16 -12.41 7.60
N ALA A 660 26.77 -11.52 6.69
CA ALA A 660 26.06 -11.91 5.48
C ALA A 660 26.96 -12.11 4.25
N GLY A 661 28.22 -11.68 4.34
CA GLY A 661 29.18 -11.77 3.24
C GLY A 661 28.79 -10.84 2.11
N SER A 662 28.69 -11.36 0.87
CA SER A 662 28.26 -10.56 -0.29
C SER A 662 26.79 -10.13 -0.22
N ALA A 663 25.97 -10.84 0.58
CA ALA A 663 24.53 -10.56 0.77
C ALA A 663 24.27 -9.31 1.64
N GLY A 664 25.24 -8.94 2.47
CA GLY A 664 25.14 -7.76 3.32
C GLY A 664 25.45 -6.47 2.60
N ASN A 665 25.91 -6.57 1.32
CA ASN A 665 26.28 -5.45 0.44
C ASN A 665 25.02 -4.99 -0.22
N VAL A 666 24.41 -3.96 0.36
CA VAL A 666 23.11 -3.45 -0.09
C VAL A 666 23.15 -1.95 -0.03
N GLY A 667 22.26 -1.34 -0.79
CA GLY A 667 22.15 0.10 -0.82
C GLY A 667 20.73 0.62 -0.73
N ILE A 668 20.61 1.84 -0.27
CA ILE A 668 19.34 2.56 -0.20
C ILE A 668 19.52 3.91 -0.85
N ILE A 669 18.48 4.39 -1.50
CA ILE A 669 18.45 5.73 -2.07
C ILE A 669 17.57 6.53 -1.17
N PHE A 670 18.04 7.70 -0.70
CA PHE A 670 17.19 8.57 0.09
C PHE A 670 16.85 9.77 -0.79
N LYS A 671 15.57 10.07 -0.89
CA LYS A 671 15.17 11.20 -1.72
C LYS A 671 14.22 12.09 -0.96
N ASN A 672 14.48 13.39 -1.01
CA ASN A 672 13.66 14.39 -0.33
C ASN A 672 13.34 15.53 -1.31
N GLY A 673 12.05 15.77 -1.50
CA GLY A 673 11.55 16.82 -2.39
C GLY A 673 10.41 16.37 -3.27
N ASP A 674 10.30 15.06 -3.51
CA ASP A 674 9.24 14.45 -4.29
C ASP A 674 8.32 13.61 -3.44
N ASP A 675 7.02 13.63 -3.78
CA ASP A 675 6.00 12.80 -3.14
C ASP A 675 6.18 11.44 -3.82
N LEU A 676 6.62 10.42 -3.05
CA LEU A 676 6.91 9.06 -3.57
C LEU A 676 5.70 8.11 -3.51
N ARG A 677 4.52 8.59 -3.06
CA ARG A 677 3.34 7.72 -2.94
C ARG A 677 2.91 7.06 -4.26
N GLN A 678 2.90 7.80 -5.39
CA GLN A 678 2.51 7.24 -6.69
C GLN A 678 3.52 6.26 -7.21
N ASP A 679 4.82 6.54 -6.97
CA ASP A 679 5.95 5.69 -7.32
C ASP A 679 5.77 4.33 -6.62
N MET A 680 5.44 4.35 -5.30
CA MET A 680 5.22 3.14 -4.53
C MET A 680 4.00 2.38 -5.04
N LEU A 681 2.87 3.07 -5.31
CA LEU A 681 1.65 2.43 -5.82
C LEU A 681 1.94 1.75 -7.17
N THR A 682 2.64 2.43 -8.08
CA THR A 682 2.98 1.88 -9.39
C THR A 682 3.82 0.61 -9.23
N LEU A 683 4.86 0.65 -8.39
CA LEU A 683 5.70 -0.52 -8.14
C LEU A 683 4.96 -1.69 -7.46
N GLN A 684 4.06 -1.41 -6.50
CA GLN A 684 3.26 -2.47 -5.84
C GLN A 684 2.28 -3.14 -6.84
N MET A 685 1.68 -2.34 -7.75
CA MET A 685 0.79 -2.83 -8.83
C MET A 685 1.53 -3.74 -9.80
N ILE A 686 2.79 -3.38 -10.18
CA ILE A 686 3.66 -4.21 -11.03
C ILE A 686 4.03 -5.49 -10.27
N GLN A 687 4.34 -5.34 -8.95
CA GLN A 687 4.65 -6.48 -8.08
C GLN A 687 3.44 -7.44 -8.02
N LEU A 688 2.18 -6.91 -7.95
CA LEU A 688 0.97 -7.76 -7.95
C LEU A 688 0.84 -8.50 -9.30
N MET A 689 1.18 -7.82 -10.42
CA MET A 689 1.18 -8.40 -11.77
C MET A 689 2.11 -9.60 -11.79
N ASP A 690 3.32 -9.42 -11.24
CA ASP A 690 4.35 -10.48 -11.12
C ASP A 690 3.83 -11.69 -10.34
N VAL A 691 3.11 -11.45 -9.21
CA VAL A 691 2.52 -12.53 -8.38
C VAL A 691 1.49 -13.35 -9.16
N LEU A 692 0.57 -12.66 -9.86
CA LEU A 692 -0.51 -13.26 -10.67
C LEU A 692 0.04 -14.05 -11.84
N TRP A 693 1.09 -13.51 -12.47
CA TRP A 693 1.76 -14.20 -13.56
C TRP A 693 2.40 -15.47 -13.05
N LYS A 694 3.13 -15.39 -11.91
CA LYS A 694 3.80 -16.54 -11.30
C LYS A 694 2.80 -17.62 -10.84
N GLN A 695 1.60 -17.21 -10.39
CA GLN A 695 0.53 -18.15 -9.99
C GLN A 695 0.05 -18.98 -11.19
N GLU A 696 0.20 -18.45 -12.43
CA GLU A 696 -0.13 -19.16 -13.68
C GLU A 696 1.12 -19.81 -14.30
N GLY A 697 2.20 -19.93 -13.52
CA GLY A 697 3.47 -20.54 -13.93
C GLY A 697 4.28 -19.73 -14.93
N LEU A 698 4.01 -18.41 -15.02
CA LEU A 698 4.70 -17.48 -15.92
C LEU A 698 5.68 -16.58 -15.14
N ASP A 699 7.01 -16.80 -15.30
CA ASP A 699 8.00 -15.95 -14.64
C ASP A 699 8.65 -14.99 -15.67
N LEU A 700 8.19 -13.72 -15.68
CA LEU A 700 8.70 -12.71 -16.60
C LEU A 700 9.92 -11.95 -16.07
N ARG A 701 10.59 -12.53 -15.06
CA ARG A 701 11.86 -12.05 -14.51
C ARG A 701 11.85 -10.54 -14.18
N MET A 702 10.83 -10.11 -13.41
CA MET A 702 10.63 -8.72 -12.99
C MET A 702 11.60 -8.32 -11.88
N THR A 703 11.75 -7.00 -11.60
CA THR A 703 12.64 -6.50 -10.54
C THR A 703 11.78 -5.72 -9.55
N PRO A 704 11.12 -6.41 -8.58
CA PRO A 704 10.25 -5.69 -7.63
C PRO A 704 11.02 -5.00 -6.49
N TYR A 705 11.82 -3.99 -6.84
CA TYR A 705 12.60 -3.24 -5.85
C TYR A 705 11.69 -2.35 -5.00
N GLY A 706 12.05 -2.18 -3.75
CA GLY A 706 11.30 -1.39 -2.79
C GLY A 706 11.32 0.10 -3.03
N CYS A 707 10.21 0.72 -2.64
CA CYS A 707 10.03 2.17 -2.66
C CYS A 707 9.08 2.48 -1.54
N LEU A 708 9.54 3.30 -0.60
CA LEU A 708 8.78 3.62 0.59
C LEU A 708 8.75 5.07 0.99
N PRO A 709 7.58 5.75 0.95
CA PRO A 709 7.51 7.11 1.51
C PRO A 709 7.68 6.99 3.03
N THR A 710 8.47 7.88 3.64
CA THR A 710 8.78 7.84 5.08
C THR A 710 8.37 9.09 5.82
N GLY A 711 8.16 10.17 5.09
CA GLY A 711 7.77 11.44 5.67
C GLY A 711 7.30 12.41 4.62
N ASP A 712 7.25 13.69 4.98
CA ASP A 712 6.82 14.77 4.10
C ASP A 712 7.75 14.89 2.87
N ARG A 713 7.27 14.45 1.67
CA ARG A 713 8.01 14.42 0.40
C ARG A 713 9.39 13.76 0.59
N THR A 714 9.40 12.72 1.38
CA THR A 714 10.63 11.99 1.73
C THR A 714 10.38 10.51 1.58
N GLY A 715 11.40 9.79 1.16
CA GLY A 715 11.27 8.33 1.05
C GLY A 715 12.57 7.65 0.70
N LEU A 716 12.52 6.32 0.69
CA LEU A 716 13.65 5.47 0.33
C LEU A 716 13.28 4.63 -0.86
N ILE A 717 14.30 4.28 -1.64
CA ILE A 717 14.23 3.42 -2.82
C ILE A 717 15.33 2.39 -2.62
N GLU A 718 15.01 1.11 -2.84
CA GLU A 718 15.99 0.03 -2.74
C GLU A 718 16.90 0.04 -3.97
N VAL A 719 18.21 0.08 -3.73
CA VAL A 719 19.22 0.05 -4.80
C VAL A 719 19.23 -1.33 -5.46
N VAL A 720 19.16 -1.35 -6.80
CA VAL A 720 19.32 -2.57 -7.59
C VAL A 720 20.77 -2.48 -8.06
N LEU A 721 21.62 -3.31 -7.46
CA LEU A 721 23.05 -3.33 -7.76
C LEU A 721 23.28 -4.04 -9.09
N HIS A 722 24.48 -3.87 -9.67
CA HIS A 722 24.88 -4.50 -10.94
C HIS A 722 23.90 -4.14 -12.07
N SER A 723 23.51 -2.86 -12.14
CA SER A 723 22.60 -2.35 -13.13
C SER A 723 23.07 -1.00 -13.66
N ASP A 724 22.65 -0.65 -14.87
CA ASP A 724 22.99 0.64 -15.46
C ASP A 724 21.80 1.16 -16.19
N THR A 725 21.76 2.45 -16.48
CA THR A 725 20.67 3.00 -17.26
C THR A 725 20.93 2.70 -18.75
N ILE A 726 19.83 2.53 -19.53
CA ILE A 726 19.88 2.33 -20.98
C ILE A 726 20.62 3.54 -21.62
N ALA A 727 20.26 4.78 -21.21
CA ALA A 727 20.90 6.01 -21.69
C ALA A 727 22.42 5.97 -21.51
N ASN A 728 22.93 5.54 -20.33
CA ASN A 728 24.37 5.44 -20.13
C ASN A 728 25.02 4.47 -21.11
N ILE A 729 24.43 3.27 -21.28
CA ILE A 729 24.94 2.24 -22.19
C ILE A 729 24.91 2.75 -23.64
N GLN A 730 23.80 3.40 -24.03
CA GLN A 730 23.61 3.96 -25.38
C GLN A 730 24.55 5.12 -25.70
N LEU A 731 25.27 5.67 -24.69
CA LEU A 731 26.24 6.75 -24.93
C LEU A 731 27.36 6.21 -25.81
N ASN A 732 27.52 4.88 -25.86
CA ASN A 732 28.49 4.17 -26.70
C ASN A 732 29.90 4.75 -26.57
N LYS A 733 30.34 4.95 -25.32
CA LYS A 733 31.66 5.50 -25.00
C LYS A 733 32.77 4.58 -25.52
N SER A 734 33.92 5.18 -25.88
CA SER A 734 35.08 4.46 -26.42
C SER A 734 35.89 3.79 -25.33
N ASN A 735 36.82 2.86 -25.70
CA ASN A 735 37.71 2.12 -24.79
C ASN A 735 36.91 1.32 -23.74
N MET A 736 35.78 0.73 -24.19
CA MET A 736 34.86 -0.08 -23.38
C MET A 736 34.62 -1.40 -24.13
N ALA A 737 34.25 -2.46 -23.39
CA ALA A 737 33.96 -3.78 -23.97
C ALA A 737 32.63 -3.75 -24.75
N ALA A 738 31.74 -2.79 -24.42
CA ALA A 738 30.45 -2.59 -25.07
C ALA A 738 30.53 -1.73 -26.36
N THR A 739 31.64 -1.00 -26.60
CA THR A 739 31.80 -0.12 -27.78
C THR A 739 31.43 -0.86 -29.09
N ALA A 740 30.62 -0.21 -29.96
CA ALA A 740 30.10 -0.83 -31.18
C ALA A 740 30.25 0.00 -32.48
N ALA A 741 30.15 -0.68 -33.64
CA ALA A 741 30.20 -0.11 -34.99
C ALA A 741 28.97 0.68 -35.31
N PHE A 742 27.82 0.27 -34.73
CA PHE A 742 26.52 0.91 -34.90
C PHE A 742 25.91 1.11 -33.53
N ASN A 743 25.25 2.25 -33.29
CA ASN A 743 24.63 2.55 -32.00
C ASN A 743 23.67 1.42 -31.54
N LYS A 744 22.86 0.85 -32.48
CA LYS A 744 21.93 -0.27 -32.21
C LYS A 744 22.57 -1.48 -31.56
N ASP A 745 23.90 -1.66 -31.70
CA ASP A 745 24.59 -2.80 -31.09
C ASP A 745 25.18 -2.57 -29.68
N ALA A 746 25.20 -1.31 -29.18
CA ALA A 746 25.75 -0.98 -27.86
C ALA A 746 25.14 -1.84 -26.73
N LEU A 747 23.79 -1.92 -26.70
CA LEU A 747 23.03 -2.66 -25.67
C LEU A 747 23.34 -4.15 -25.74
N LEU A 748 23.30 -4.74 -26.95
CA LEU A 748 23.64 -6.15 -27.12
C LEU A 748 25.11 -6.42 -26.76
N ASN A 749 26.04 -5.51 -27.14
CA ASN A 749 27.46 -5.67 -26.80
C ASN A 749 27.69 -5.52 -25.31
N TRP A 750 26.88 -4.71 -24.62
CA TRP A 750 26.97 -4.54 -23.17
C TRP A 750 26.59 -5.88 -22.54
N LEU A 751 25.48 -6.47 -22.99
CA LEU A 751 24.99 -7.77 -22.53
C LEU A 751 26.02 -8.89 -22.71
N LYS A 752 26.69 -8.93 -23.89
CA LYS A 752 27.78 -9.88 -24.22
C LYS A 752 28.98 -9.73 -23.30
N SER A 753 29.39 -8.48 -23.01
CA SER A 753 30.52 -8.17 -22.11
C SER A 753 30.25 -8.65 -20.69
N LYS A 754 29.00 -8.54 -20.24
CA LYS A 754 28.59 -8.95 -18.89
C LYS A 754 28.25 -10.45 -18.82
N ASN A 755 27.98 -11.07 -19.99
CA ASN A 755 27.59 -12.49 -20.09
C ASN A 755 28.42 -13.19 -21.19
N PRO A 756 29.71 -13.46 -20.95
CA PRO A 756 30.52 -14.08 -22.00
C PRO A 756 30.19 -15.54 -22.27
N GLY A 757 30.41 -15.93 -23.52
CA GLY A 757 30.22 -17.30 -24.00
C GLY A 757 28.81 -17.84 -23.93
N GLU A 758 28.66 -18.98 -23.26
CA GLU A 758 27.39 -19.71 -23.10
C GLU A 758 26.31 -18.94 -22.33
N ALA A 759 26.74 -18.04 -21.43
CA ALA A 759 25.85 -17.22 -20.59
C ALA A 759 25.00 -16.18 -21.36
N LEU A 760 25.39 -15.81 -22.61
CA LEU A 760 24.66 -14.82 -23.40
C LEU A 760 23.22 -15.21 -23.69
N ASP A 761 22.98 -16.49 -24.05
CA ASP A 761 21.64 -17.01 -24.36
C ASP A 761 20.67 -16.77 -23.19
N ARG A 762 21.10 -17.12 -21.95
CA ARG A 762 20.30 -16.91 -20.73
C ARG A 762 20.02 -15.41 -20.53
N ALA A 763 21.03 -14.55 -20.76
CA ALA A 763 20.88 -13.10 -20.64
C ALA A 763 19.84 -12.52 -21.61
N ILE A 764 19.90 -12.89 -22.92
CA ILE A 764 18.91 -12.42 -23.91
C ILE A 764 17.49 -12.88 -23.54
N GLU A 765 17.38 -14.09 -22.99
CA GLU A 765 16.10 -14.63 -22.54
C GLU A 765 15.53 -13.79 -21.40
N GLU A 766 16.38 -13.45 -20.39
CA GLU A 766 16.01 -12.59 -19.24
C GLU A 766 15.53 -11.23 -19.72
N PHE A 767 16.24 -10.65 -20.71
CA PHE A 767 15.87 -9.37 -21.32
C PHE A 767 14.52 -9.45 -22.00
N THR A 768 14.27 -10.52 -22.80
CA THR A 768 13.02 -10.72 -23.54
C THR A 768 11.83 -10.85 -22.60
N LEU A 769 11.97 -11.70 -21.55
CA LEU A 769 10.91 -11.93 -20.58
C LEU A 769 10.53 -10.65 -19.85
N SER A 770 11.53 -9.92 -19.34
CA SER A 770 11.32 -8.68 -18.59
C SER A 770 10.79 -7.60 -19.48
N CYS A 771 11.31 -7.54 -20.73
CA CYS A 771 10.79 -6.56 -21.66
C CYS A 771 9.31 -6.80 -21.90
N ALA A 772 8.87 -8.07 -21.98
CA ALA A 772 7.45 -8.39 -22.16
C ALA A 772 6.61 -8.01 -20.94
N GLY A 773 7.11 -8.28 -19.73
CA GLY A 773 6.41 -7.93 -18.51
C GLY A 773 6.21 -6.44 -18.36
N TYR A 774 7.28 -5.64 -18.61
CA TYR A 774 7.25 -4.19 -18.49
C TYR A 774 6.49 -3.54 -19.63
N CYS A 775 6.50 -4.12 -20.85
CA CYS A 775 5.68 -3.61 -21.96
C CYS A 775 4.20 -3.71 -21.57
N VAL A 776 3.78 -4.88 -21.06
CA VAL A 776 2.37 -5.12 -20.66
C VAL A 776 1.99 -4.25 -19.47
N ALA A 777 2.84 -4.21 -18.44
CA ALA A 777 2.63 -3.40 -17.22
C ALA A 777 2.47 -1.93 -17.52
N THR A 778 3.38 -1.35 -18.35
CA THR A 778 3.32 0.08 -18.65
C THR A 778 2.10 0.43 -19.48
N TYR A 779 1.69 -0.49 -20.36
CA TYR A 779 0.50 -0.34 -21.18
C TYR A 779 -0.79 -0.39 -20.33
N VAL A 780 -0.92 -1.42 -19.48
CA VAL A 780 -2.10 -1.60 -18.62
C VAL A 780 -2.27 -0.40 -17.67
N LEU A 781 -1.16 0.03 -17.03
CA LEU A 781 -1.16 1.13 -16.07
C LEU A 781 -1.07 2.52 -16.68
N GLY A 782 -0.98 2.62 -18.01
CA GLY A 782 -0.89 3.89 -18.70
C GLY A 782 0.29 4.74 -18.32
N ILE A 783 1.46 4.11 -18.11
CA ILE A 783 2.69 4.78 -17.71
C ILE A 783 3.28 5.50 -18.92
N GLY A 784 3.39 6.83 -18.78
CA GLY A 784 3.93 7.70 -19.83
C GLY A 784 5.31 8.25 -19.55
N ASP A 785 5.82 9.06 -20.50
CA ASP A 785 7.14 9.72 -20.46
C ASP A 785 8.26 8.70 -20.24
N ARG A 786 8.32 7.66 -21.11
CA ARG A 786 9.33 6.62 -20.99
C ARG A 786 10.44 6.85 -22.00
N HIS A 787 11.64 7.06 -21.49
CA HIS A 787 12.86 7.30 -22.27
C HIS A 787 14.01 6.51 -21.66
N SER A 788 15.16 6.49 -22.35
CA SER A 788 16.34 5.72 -21.97
C SER A 788 16.92 6.07 -20.58
N ASP A 789 16.64 7.27 -20.06
CA ASP A 789 17.15 7.67 -18.74
C ASP A 789 16.33 7.07 -17.59
N ASN A 790 15.09 6.60 -17.85
CA ASN A 790 14.26 6.03 -16.78
C ASN A 790 13.98 4.54 -16.99
N ILE A 791 14.86 3.87 -17.74
CA ILE A 791 14.83 2.43 -17.98
C ILE A 791 16.22 1.93 -17.68
N MET A 792 16.30 0.85 -16.90
CA MET A 792 17.55 0.26 -16.48
C MET A 792 17.65 -1.18 -16.89
N ILE A 793 18.88 -1.69 -16.89
CA ILE A 793 19.19 -3.07 -17.20
C ILE A 793 20.17 -3.64 -16.17
N ARG A 794 19.87 -4.84 -15.71
CA ARG A 794 20.72 -5.60 -14.81
C ARG A 794 21.71 -6.38 -15.66
N GLU A 795 22.86 -6.72 -15.08
CA GLU A 795 23.90 -7.50 -15.77
C GLU A 795 23.41 -8.87 -16.22
N SER A 796 22.33 -9.38 -15.58
CA SER A 796 21.65 -10.63 -15.92
C SER A 796 20.87 -10.51 -17.23
N GLY A 797 20.57 -9.29 -17.64
CA GLY A 797 19.77 -9.01 -18.82
C GLY A 797 18.42 -8.46 -18.49
N GLN A 798 17.97 -8.61 -17.22
CA GLN A 798 16.68 -8.11 -16.75
C GLN A 798 16.57 -6.59 -16.88
N LEU A 799 15.56 -6.16 -17.58
CA LEU A 799 15.21 -4.77 -17.77
C LEU A 799 14.19 -4.38 -16.71
N PHE A 800 14.21 -3.13 -16.22
CA PHE A 800 13.21 -2.61 -15.27
C PHE A 800 13.04 -1.09 -15.40
N HIS A 801 11.96 -0.55 -14.83
CA HIS A 801 11.63 0.88 -14.91
C HIS A 801 11.87 1.64 -13.64
N ILE A 802 12.26 2.89 -13.79
CA ILE A 802 12.49 3.77 -12.65
C ILE A 802 11.75 5.09 -12.86
N ASP A 803 11.72 5.93 -11.82
CA ASP A 803 11.16 7.28 -11.83
C ASP A 803 9.77 7.36 -12.46
N PHE A 804 8.80 6.67 -11.84
CA PHE A 804 7.39 6.69 -12.27
C PHE A 804 6.68 7.97 -11.84
N GLY A 805 6.84 9.01 -12.64
CA GLY A 805 6.18 10.29 -12.37
C GLY A 805 4.73 10.36 -12.81
N HIS A 806 4.33 9.57 -13.84
CA HIS A 806 2.98 9.62 -14.43
C HIS A 806 2.36 8.23 -14.76
N PHE A 807 1.02 8.09 -14.58
CA PHE A 807 0.28 6.84 -14.89
C PHE A 807 -1.19 7.13 -15.28
N LEU A 808 -1.94 6.10 -15.71
CA LEU A 808 -3.35 6.17 -16.16
C LEU A 808 -3.60 7.24 -17.25
N GLY A 809 -2.62 7.38 -18.15
CA GLY A 809 -2.67 8.33 -19.26
C GLY A 809 -2.58 9.80 -18.88
N ASN A 810 -2.33 10.12 -17.60
CA ASN A 810 -2.20 11.49 -17.14
C ASN A 810 -0.82 12.05 -17.45
N PHE A 811 -0.76 12.92 -18.46
CA PHE A 811 0.44 13.58 -19.00
C PHE A 811 0.78 14.88 -18.25
N ARG A 821 -4.44 8.66 -23.13
CA ARG A 821 -4.48 7.32 -23.71
C ARG A 821 -3.13 6.95 -24.35
N VAL A 822 -2.22 6.37 -23.54
CA VAL A 822 -0.87 5.97 -23.97
C VAL A 822 -0.91 4.66 -24.79
N PRO A 823 -0.36 4.65 -26.02
CA PRO A 823 -0.36 3.41 -26.81
C PRO A 823 0.66 2.38 -26.28
N PHE A 824 0.60 1.14 -26.79
CA PHE A 824 1.55 0.07 -26.44
C PHE A 824 2.91 0.54 -26.99
N ILE A 825 4.02 0.32 -26.26
CA ILE A 825 5.31 0.84 -26.70
C ILE A 825 6.35 -0.25 -26.95
N LEU A 826 6.91 -0.24 -28.17
CA LEU A 826 7.99 -1.14 -28.61
C LEU A 826 9.15 -0.26 -29.09
N THR A 827 10.36 -0.56 -28.62
CA THR A 827 11.58 0.18 -28.95
C THR A 827 12.49 -0.67 -29.82
N TYR A 828 12.93 -0.13 -30.98
CA TYR A 828 13.80 -0.82 -31.95
C TYR A 828 15.08 -1.39 -31.34
N ASP A 829 15.74 -0.65 -30.45
CA ASP A 829 16.97 -1.11 -29.79
C ASP A 829 16.71 -2.35 -28.90
N PHE A 830 15.49 -2.43 -28.35
CA PHE A 830 15.06 -3.57 -27.50
C PHE A 830 14.64 -4.75 -28.36
N VAL A 831 13.96 -4.47 -29.51
CA VAL A 831 13.54 -5.48 -30.50
C VAL A 831 14.81 -6.16 -31.03
N HIS A 832 15.86 -5.34 -31.26
CA HIS A 832 17.19 -5.76 -31.74
C HIS A 832 17.86 -6.78 -30.81
N VAL A 833 17.81 -6.55 -29.47
CA VAL A 833 18.38 -7.52 -28.51
C VAL A 833 17.53 -8.82 -28.49
N ILE A 834 16.20 -8.66 -28.51
CA ILE A 834 15.24 -9.79 -28.53
C ILE A 834 15.55 -10.67 -29.74
N GLN A 835 15.67 -10.03 -30.93
CA GLN A 835 15.97 -10.67 -32.21
C GLN A 835 17.44 -11.12 -32.33
N GLN A 836 18.16 -11.22 -31.19
CA GLN A 836 19.55 -11.69 -31.09
C GLN A 836 20.56 -10.89 -31.95
N GLY A 837 20.20 -9.67 -32.30
CA GLY A 837 21.00 -8.77 -33.13
C GLY A 837 20.77 -8.95 -34.62
N LYS A 838 19.79 -9.78 -34.99
CA LYS A 838 19.47 -10.05 -36.39
C LYS A 838 18.37 -9.10 -36.84
N THR A 839 18.47 -8.59 -38.09
CA THR A 839 17.47 -7.68 -38.69
C THR A 839 16.12 -8.42 -38.79
N ASN A 840 16.18 -9.71 -39.14
CA ASN A 840 15.03 -10.58 -39.31
C ASN A 840 15.18 -11.82 -38.42
N ASN A 841 14.28 -11.95 -37.44
CA ASN A 841 14.26 -13.08 -36.50
C ASN A 841 12.82 -13.23 -35.99
N SER A 842 11.93 -13.72 -36.87
CA SER A 842 10.51 -13.88 -36.55
C SER A 842 10.29 -14.91 -35.43
N GLU A 843 11.15 -15.94 -35.33
CA GLU A 843 11.06 -16.98 -34.30
C GLU A 843 11.18 -16.36 -32.91
N LYS A 844 12.21 -15.51 -32.70
CA LYS A 844 12.46 -14.84 -31.42
C LYS A 844 11.46 -13.73 -31.14
N PHE A 845 11.17 -12.87 -32.15
CA PHE A 845 10.23 -11.76 -32.01
C PHE A 845 8.80 -12.23 -31.70
N GLU A 846 8.34 -13.30 -32.37
CA GLU A 846 6.99 -13.80 -32.13
C GLU A 846 6.86 -14.57 -30.80
N ARG A 847 7.96 -15.14 -30.28
CA ARG A 847 8.00 -15.77 -28.95
C ARG A 847 7.74 -14.66 -27.93
N PHE A 848 8.35 -13.48 -28.19
CA PHE A 848 8.19 -12.27 -27.39
C PHE A 848 6.74 -11.76 -27.41
N ARG A 849 6.06 -11.77 -28.60
CA ARG A 849 4.65 -11.35 -28.71
C ARG A 849 3.78 -12.34 -27.90
N GLY A 850 4.11 -13.64 -27.96
CA GLY A 850 3.46 -14.71 -27.21
C GLY A 850 3.55 -14.45 -25.71
N TYR A 851 4.73 -14.00 -25.22
CA TYR A 851 4.95 -13.65 -23.81
C TYR A 851 4.03 -12.50 -23.39
N CYS A 852 3.97 -11.43 -24.22
CA CYS A 852 3.13 -10.24 -24.07
C CYS A 852 1.66 -10.60 -24.02
N GLU A 853 1.20 -11.46 -24.95
CA GLU A 853 -0.20 -11.87 -25.00
C GLU A 853 -0.63 -12.65 -23.77
N ARG A 854 0.19 -13.64 -23.34
CA ARG A 854 -0.11 -14.47 -22.18
C ARG A 854 -0.15 -13.61 -20.90
N ALA A 855 0.82 -12.70 -20.75
CA ALA A 855 0.89 -11.75 -19.62
C ALA A 855 -0.36 -10.92 -19.55
N TYR A 856 -0.81 -10.39 -20.72
CA TYR A 856 -2.01 -9.57 -20.82
C TYR A 856 -3.28 -10.36 -20.49
N THR A 857 -3.43 -11.58 -21.05
CA THR A 857 -4.63 -12.41 -20.82
C THR A 857 -4.77 -12.76 -19.34
N ILE A 858 -3.65 -13.07 -18.64
CA ILE A 858 -3.63 -13.36 -17.20
C ILE A 858 -4.19 -12.19 -16.38
N LEU A 859 -3.72 -10.95 -16.65
CA LEU A 859 -4.17 -9.75 -15.90
C LEU A 859 -5.65 -9.47 -16.11
N ARG A 860 -6.17 -9.69 -17.35
CA ARG A 860 -7.60 -9.51 -17.64
C ARG A 860 -8.49 -10.33 -16.71
N ARG A 861 -8.06 -11.57 -16.42
CA ARG A 861 -8.73 -12.54 -15.56
C ARG A 861 -8.81 -12.08 -14.10
N HIS A 862 -7.89 -11.20 -13.68
CA HIS A 862 -7.85 -10.59 -12.34
C HIS A 862 -8.17 -9.10 -12.43
N GLY A 863 -8.81 -8.71 -13.52
CA GLY A 863 -9.23 -7.34 -13.82
C GLY A 863 -9.99 -6.67 -12.70
N LEU A 864 -10.97 -7.40 -12.12
CA LEU A 864 -11.78 -6.91 -11.01
C LEU A 864 -10.95 -6.54 -9.79
N LEU A 865 -9.90 -7.35 -9.48
CA LEU A 865 -8.98 -7.10 -8.35
C LEU A 865 -8.24 -5.76 -8.56
N PHE A 866 -7.73 -5.50 -9.76
CA PHE A 866 -7.08 -4.22 -10.05
C PHE A 866 -8.07 -3.05 -9.86
N LEU A 867 -9.34 -3.21 -10.35
CA LEU A 867 -10.39 -2.18 -10.20
C LEU A 867 -10.76 -1.91 -8.74
N HIS A 868 -10.97 -2.97 -7.94
CA HIS A 868 -11.30 -2.87 -6.52
C HIS A 868 -10.16 -2.22 -5.71
N LEU A 869 -8.90 -2.58 -6.01
CA LEU A 869 -7.74 -2.02 -5.33
C LEU A 869 -7.53 -0.55 -5.68
N PHE A 870 -7.64 -0.18 -6.98
CA PHE A 870 -7.52 1.22 -7.43
C PHE A 870 -8.67 2.10 -6.92
N ALA A 871 -9.88 1.52 -6.72
CA ALA A 871 -11.05 2.22 -6.20
C ALA A 871 -10.79 2.61 -4.74
N LEU A 872 -10.21 1.68 -3.96
CA LEU A 872 -9.84 1.96 -2.58
C LEU A 872 -8.74 3.02 -2.55
N MET A 873 -7.82 2.99 -3.55
CA MET A 873 -6.70 3.94 -3.66
C MET A 873 -7.14 5.38 -3.91
N ARG A 874 -8.38 5.60 -4.41
CA ARG A 874 -8.90 6.96 -4.63
C ARG A 874 -8.88 7.78 -3.33
N ALA A 875 -9.00 7.10 -2.18
CA ALA A 875 -8.96 7.69 -0.84
C ALA A 875 -7.65 8.40 -0.50
N ALA A 876 -6.52 7.98 -1.14
CA ALA A 876 -5.18 8.53 -0.89
C ALA A 876 -5.03 10.01 -1.19
N GLY A 877 -5.79 10.51 -2.17
CA GLY A 877 -5.75 11.90 -2.59
C GLY A 877 -4.66 12.18 -3.60
N LEU A 878 -4.27 11.17 -4.41
CA LEU A 878 -3.26 11.28 -5.46
C LEU A 878 -3.92 12.06 -6.61
N PRO A 879 -3.25 13.08 -7.21
CA PRO A 879 -3.91 13.85 -8.29
C PRO A 879 -4.19 13.07 -9.58
N GLU A 880 -3.46 11.97 -9.80
CA GLU A 880 -3.67 11.14 -11.00
C GLU A 880 -4.67 10.00 -10.75
N LEU A 881 -5.23 9.95 -9.52
CA LEU A 881 -6.24 8.99 -9.12
C LEU A 881 -7.30 9.69 -8.25
N SER A 882 -8.06 10.59 -8.89
CA SER A 882 -9.07 11.46 -8.26
C SER A 882 -10.53 11.17 -8.66
N CYS A 883 -10.77 10.74 -9.92
CA CYS A 883 -12.13 10.52 -10.45
C CYS A 883 -12.37 9.13 -11.09
N SER A 884 -13.57 8.98 -11.72
CA SER A 884 -14.03 7.77 -12.41
C SER A 884 -13.29 7.59 -13.73
N LYS A 885 -12.87 8.71 -14.38
CA LYS A 885 -12.12 8.68 -15.64
C LYS A 885 -10.75 7.98 -15.50
N ASP A 886 -10.13 8.07 -14.29
CA ASP A 886 -8.86 7.42 -13.96
C ASP A 886 -9.05 5.90 -13.84
N ILE A 887 -10.19 5.46 -13.27
CA ILE A 887 -10.57 4.05 -13.10
C ILE A 887 -11.02 3.48 -14.46
N GLN A 888 -11.64 4.34 -15.31
CA GLN A 888 -12.11 3.98 -16.65
C GLN A 888 -10.92 3.61 -17.53
N TYR A 889 -9.76 4.24 -17.27
CA TYR A 889 -8.50 3.97 -17.96
C TYR A 889 -8.11 2.48 -17.84
N LEU A 890 -8.20 1.90 -16.63
CA LEU A 890 -7.89 0.47 -16.42
C LEU A 890 -8.87 -0.46 -17.13
N LYS A 891 -10.17 -0.09 -17.12
CA LYS A 891 -11.26 -0.84 -17.76
C LYS A 891 -10.99 -0.94 -19.24
N ASP A 892 -10.59 0.19 -19.88
CA ASP A 892 -10.26 0.28 -21.29
C ASP A 892 -8.97 -0.45 -21.63
N SER A 893 -7.92 -0.31 -20.78
CA SER A 893 -6.62 -0.96 -20.99
C SER A 893 -6.73 -2.48 -20.89
N LEU A 894 -7.49 -2.97 -19.90
CA LEU A 894 -7.70 -4.40 -19.72
C LEU A 894 -8.87 -4.92 -20.59
N ALA A 895 -9.63 -4.01 -21.28
CA ALA A 895 -10.79 -4.33 -22.14
C ALA A 895 -11.74 -5.33 -21.44
N LEU A 896 -12.14 -4.97 -20.20
CA LEU A 896 -12.97 -5.78 -19.30
C LEU A 896 -14.38 -6.09 -19.80
N GLY A 897 -14.97 -5.16 -20.55
CA GLY A 897 -16.30 -5.32 -21.13
C GLY A 897 -16.34 -6.39 -22.21
N LYS A 898 -15.25 -6.48 -23.02
CA LYS A 898 -15.08 -7.42 -24.13
C LYS A 898 -14.87 -8.87 -23.66
N THR A 899 -14.99 -9.81 -24.62
CA THR A 899 -14.75 -11.24 -24.42
C THR A 899 -13.24 -11.46 -24.58
N GLU A 900 -12.71 -12.60 -24.10
CA GLU A 900 -11.26 -12.89 -24.21
C GLU A 900 -10.74 -12.83 -25.65
N GLU A 901 -11.57 -13.25 -26.63
CA GLU A 901 -11.25 -13.28 -28.05
C GLU A 901 -11.19 -11.88 -28.65
N GLU A 902 -12.20 -11.03 -28.32
CA GLU A 902 -12.32 -9.65 -28.77
C GLU A 902 -11.16 -8.80 -28.23
N ALA A 903 -10.89 -8.94 -26.91
CA ALA A 903 -9.83 -8.22 -26.20
C ALA A 903 -8.46 -8.54 -26.80
N LEU A 904 -8.16 -9.84 -27.02
CA LEU A 904 -6.90 -10.29 -27.60
C LEU A 904 -6.71 -9.77 -29.04
N LYS A 905 -7.80 -9.67 -29.83
CA LYS A 905 -7.79 -9.13 -31.19
C LYS A 905 -7.41 -7.63 -31.12
N HIS A 906 -8.06 -6.89 -30.18
CA HIS A 906 -7.85 -5.47 -29.92
C HIS A 906 -6.42 -5.20 -29.44
N PHE A 907 -5.87 -6.08 -28.58
CA PHE A 907 -4.51 -5.99 -28.07
C PHE A 907 -3.49 -6.21 -29.20
N ARG A 908 -3.77 -7.22 -30.08
CA ARG A 908 -2.94 -7.57 -31.25
C ARG A 908 -2.76 -6.40 -32.22
N VAL A 909 -3.82 -5.56 -32.36
CA VAL A 909 -3.87 -4.35 -33.20
C VAL A 909 -2.91 -3.29 -32.60
N LYS A 910 -3.00 -3.07 -31.27
CA LYS A 910 -2.17 -2.15 -30.49
C LYS A 910 -0.69 -2.57 -30.53
N PHE A 911 -0.41 -3.90 -30.52
CA PHE A 911 0.95 -4.43 -30.61
C PHE A 911 1.52 -4.19 -32.02
N ASN A 912 0.73 -4.48 -33.08
CA ASN A 912 1.08 -4.27 -34.48
C ASN A 912 1.31 -2.78 -34.79
N GLU A 913 0.48 -1.89 -34.21
CA GLU A 913 0.61 -0.44 -34.35
C GLU A 913 1.92 0.05 -33.72
N ALA A 914 2.32 -0.56 -32.58
CA ALA A 914 3.56 -0.26 -31.85
C ALA A 914 4.80 -0.76 -32.61
N LEU A 915 4.67 -1.93 -33.28
CA LEU A 915 5.73 -2.56 -34.07
C LEU A 915 6.05 -1.69 -35.31
N ARG A 916 5.02 -1.12 -35.96
CA ARG A 916 5.15 -0.23 -37.12
C ARG A 916 5.74 1.13 -36.71
N GLU A 917 5.36 1.61 -35.50
CA GLU A 917 5.85 2.87 -34.90
C GLU A 917 7.33 2.77 -34.48
N SER A 918 7.83 1.53 -34.34
CA SER A 918 9.23 1.22 -34.00
C SER A 918 10.09 1.25 -35.28
N TRP A 919 10.46 2.47 -35.74
CA TRP A 919 11.23 2.80 -36.96
C TRP A 919 10.45 2.42 -38.23
C1 EDO B . 11.68 4.68 -8.58
O1 EDO B . 12.50 5.69 -9.12
C2 EDO B . 10.33 5.18 -8.23
O2 EDO B . 9.60 5.52 -9.40
C1 EDO C . 16.11 7.32 -8.33
O1 EDO C . 16.36 7.15 -9.73
C2 EDO C . 16.35 8.72 -7.87
O2 EDO C . 15.34 9.57 -8.39
C1 EDO D . 3.62 -11.24 5.22
O1 EDO D . 4.21 -11.99 6.26
C2 EDO D . 4.62 -10.34 4.55
O2 EDO D . 5.75 -11.09 4.11
C1 EDO E . 10.11 7.88 12.59
O1 EDO E . 10.83 8.51 13.63
C2 EDO E . 9.88 8.84 11.44
O2 EDO E . 11.06 8.99 10.67
C1 8TN F . 16.05 3.73 -8.90
C2 8TN F . 23.46 3.23 -12.05
C3 8TN F . 22.78 3.90 -11.05
C7 8TN F . 17.29 3.01 -8.90
C8 8TN F . 22.51 5.25 -11.18
C9 8TN F . 23.59 5.26 -13.32
C10 8TN F . 17.36 1.80 -8.22
C11 8TN F . 18.42 3.48 -9.54
C12 8TN F . 19.86 6.65 -8.83
C13 8TN F . 21.66 8.67 -6.29
C14 8TN F . 21.83 5.97 -10.11
C15 8TN F . 20.49 5.94 -9.93
C16 8TN F . 22.54 8.17 -7.16
C19 8TN F . 23.99 8.45 -7.07
C20 8TN F . 19.15 6.20 -11.92
C21 8TN F . 26.37 6.45 -14.01
C22 8TN F . 25.16 7.94 -15.35
C24 8TN F . 19.57 5.21 -10.85
N25 8TN F . 15.03 4.27 -8.88
N26 8TN F . 18.50 1.10 -8.17
N29 8TN F . 16.24 1.29 -7.58
C4 8TN F . 23.86 3.91 -13.18
C5 8TN F . 22.91 5.93 -12.32
C6 8TN F . 19.55 1.64 -8.80
C17 8TN F . 20.63 7.34 -7.98
C18 8TN F . 22.67 6.74 -9.16
C23 8TN F . 24.06 6.00 -14.53
N27 8TN F . 19.58 2.78 -9.49
N28 8TN F . 22.00 7.39 -8.15
N30 8TN F . 18.33 4.70 -10.22
N31 8TN F . 25.05 7.04 -14.22
O32 8TN F . 23.88 6.75 -9.34
S33 8TN F . 20.04 8.22 -6.62
#